data_2GNK
# 
_entry.id   2GNK 
# 
_audit_conform.dict_name       mmcif_pdbx.dic 
_audit_conform.dict_version    5.383 
_audit_conform.dict_location   http://mmcif.pdb.org/dictionaries/ascii/mmcif_pdbx.dic 
# 
loop_
_database_2.database_id 
_database_2.database_code 
_database_2.pdbx_database_accession 
_database_2.pdbx_DOI 
PDB   2GNK         pdb_00002gnk 10.2210/pdb2gnk/pdb 
RCSB  RCSB007301   ?            ?                   
WWPDB D_1000007301 ?            ?                   
# 
loop_
_pdbx_audit_revision_history.ordinal 
_pdbx_audit_revision_history.data_content_type 
_pdbx_audit_revision_history.major_revision 
_pdbx_audit_revision_history.minor_revision 
_pdbx_audit_revision_history.revision_date 
1 'Structure model' 1 0 1999-07-23 
2 'Structure model' 1 1 2008-04-27 
3 'Structure model' 1 2 2011-07-13 
4 'Structure model' 1 3 2023-12-27 
# 
_pdbx_audit_revision_details.ordinal             1 
_pdbx_audit_revision_details.revision_ordinal    1 
_pdbx_audit_revision_details.data_content_type   'Structure model' 
_pdbx_audit_revision_details.provider            repository 
_pdbx_audit_revision_details.type                'Initial release' 
_pdbx_audit_revision_details.description         ? 
_pdbx_audit_revision_details.details             ? 
# 
loop_
_pdbx_audit_revision_group.ordinal 
_pdbx_audit_revision_group.revision_ordinal 
_pdbx_audit_revision_group.data_content_type 
_pdbx_audit_revision_group.group 
1 2 'Structure model' 'Version format compliance' 
2 3 'Structure model' 'Derived calculations'      
3 3 'Structure model' 'Version format compliance' 
4 4 'Structure model' 'Data collection'           
5 4 'Structure model' 'Database references'       
6 4 'Structure model' 'Derived calculations'      
# 
loop_
_pdbx_audit_revision_category.ordinal 
_pdbx_audit_revision_category.revision_ordinal 
_pdbx_audit_revision_category.data_content_type 
_pdbx_audit_revision_category.category 
1 4 'Structure model' chem_comp_atom 
2 4 'Structure model' chem_comp_bond 
3 4 'Structure model' database_2     
4 4 'Structure model' struct_site    
# 
loop_
_pdbx_audit_revision_item.ordinal 
_pdbx_audit_revision_item.revision_ordinal 
_pdbx_audit_revision_item.data_content_type 
_pdbx_audit_revision_item.item 
1 4 'Structure model' '_database_2.pdbx_DOI'                
2 4 'Structure model' '_database_2.pdbx_database_accession' 
3 4 'Structure model' '_struct_site.pdbx_auth_asym_id'      
4 4 'Structure model' '_struct_site.pdbx_auth_comp_id'      
5 4 'Structure model' '_struct_site.pdbx_auth_seq_id'       
# 
_pdbx_database_status.status_code                     REL 
_pdbx_database_status.entry_id                        2GNK 
_pdbx_database_status.recvd_initial_deposition_date   1998-07-14 
_pdbx_database_status.deposit_site                    BNL 
_pdbx_database_status.process_site                    RCSB 
_pdbx_database_status.status_code_sf                  REL 
_pdbx_database_status.SG_entry                        . 
_pdbx_database_status.status_code_mr                  ? 
_pdbx_database_status.status_code_cs                  ? 
_pdbx_database_status.pdb_format_compatible           Y 
_pdbx_database_status.status_code_nmr_data            ? 
_pdbx_database_status.methods_development_category    ? 
# 
loop_
_audit_author.name 
_audit_author.pdbx_ordinal 
'Xu, Y.'             1 
'Cheah, E.'          2 
'Carr, P.D.'         3 
'van Heeswijk, W.C.' 4 
'Westerhoff, H.V.'   5 
'Vasudevan, S.G.'    6 
'Ollis, D.L.'        7 
# 
_citation.id                        primary 
_citation.title                     
'GlnK, a PII-homologue: structure reveals ATP binding site and indicates how the T-loops may be involved in molecular recognition.' 
_citation.journal_abbrev            J.Mol.Biol. 
_citation.journal_volume            282 
_citation.page_first                149 
_citation.page_last                 165 
_citation.year                      1998 
_citation.journal_id_ASTM           JMOBAK 
_citation.country                   UK 
_citation.journal_id_ISSN           0022-2836 
_citation.journal_id_CSD            0070 
_citation.book_publisher            ? 
_citation.pdbx_database_id_PubMed   9733647 
_citation.pdbx_database_id_DOI      10.1006/jmbi.1998.1979 
# 
loop_
_citation_author.citation_id 
_citation_author.name 
_citation_author.ordinal 
_citation_author.identifier_ORCID 
primary 'Xu, Y.'             1 ? 
primary 'Cheah, E.'          2 ? 
primary 'Carr, P.D.'         3 ? 
primary 'van Heeswijk, W.C.' 4 ? 
primary 'Westerhoff, H.V.'   5 ? 
primary 'Vasudevan, S.G.'    6 ? 
primary 'Ollis, D.L.'        7 ? 
# 
loop_
_entity.id 
_entity.type 
_entity.src_method 
_entity.pdbx_description 
_entity.formula_weight 
_entity.pdbx_number_of_molecules 
_entity.pdbx_ec 
_entity.pdbx_mutation 
_entity.pdbx_fragment 
_entity.details 
1 polymer     nat 'PROTEIN (NITROGEN REGULATORY PROTEIN)' 12252.148 1  ? ? ? ? 
2 non-polymer syn "ADENOSINE-5'-TRIPHOSPHATE"             507.181   1  ? ? ? ? 
3 water       nat water                                   18.015    47 ? ? ? ? 
# 
_entity_poly.entity_id                      1 
_entity_poly.type                           'polypeptide(L)' 
_entity_poly.nstd_linkage                   no 
_entity_poly.nstd_monomer                   no 
_entity_poly.pdbx_seq_one_letter_code       
;MKLVTVIIKPFKLEDVREALSSIGIQGLTVTEVKGFGRQKGNAELYRGAEYSVNFLPKVKIDVAIADDQLDEVIDIVSKA
AYTGKIGDGKIFVAELQRVIRIRTGEADEAAL
;
_entity_poly.pdbx_seq_one_letter_code_can   
;MKLVTVIIKPFKLEDVREALSSIGIQGLTVTEVKGFGRQKGNAELYRGAEYSVNFLPKVKIDVAIADDQLDEVIDIVSKA
AYTGKIGDGKIFVAELQRVIRIRTGEADEAAL
;
_entity_poly.pdbx_strand_id                 A 
_entity_poly.pdbx_target_identifier         ? 
# 
loop_
_pdbx_entity_nonpoly.entity_id 
_pdbx_entity_nonpoly.name 
_pdbx_entity_nonpoly.comp_id 
2 "ADENOSINE-5'-TRIPHOSPHATE" ATP 
3 water                       HOH 
# 
loop_
_entity_poly_seq.entity_id 
_entity_poly_seq.num 
_entity_poly_seq.mon_id 
_entity_poly_seq.hetero 
1 1   MET n 
1 2   LYS n 
1 3   LEU n 
1 4   VAL n 
1 5   THR n 
1 6   VAL n 
1 7   ILE n 
1 8   ILE n 
1 9   LYS n 
1 10  PRO n 
1 11  PHE n 
1 12  LYS n 
1 13  LEU n 
1 14  GLU n 
1 15  ASP n 
1 16  VAL n 
1 17  ARG n 
1 18  GLU n 
1 19  ALA n 
1 20  LEU n 
1 21  SER n 
1 22  SER n 
1 23  ILE n 
1 24  GLY n 
1 25  ILE n 
1 26  GLN n 
1 27  GLY n 
1 28  LEU n 
1 29  THR n 
1 30  VAL n 
1 31  THR n 
1 32  GLU n 
1 33  VAL n 
1 34  LYS n 
1 35  GLY n 
1 36  PHE n 
1 37  GLY n 
1 38  ARG n 
1 39  GLN n 
1 40  LYS n 
1 41  GLY n 
1 42  ASN n 
1 43  ALA n 
1 44  GLU n 
1 45  LEU n 
1 46  TYR n 
1 47  ARG n 
1 48  GLY n 
1 49  ALA n 
1 50  GLU n 
1 51  TYR n 
1 52  SER n 
1 53  VAL n 
1 54  ASN n 
1 55  PHE n 
1 56  LEU n 
1 57  PRO n 
1 58  LYS n 
1 59  VAL n 
1 60  LYS n 
1 61  ILE n 
1 62  ASP n 
1 63  VAL n 
1 64  ALA n 
1 65  ILE n 
1 66  ALA n 
1 67  ASP n 
1 68  ASP n 
1 69  GLN n 
1 70  LEU n 
1 71  ASP n 
1 72  GLU n 
1 73  VAL n 
1 74  ILE n 
1 75  ASP n 
1 76  ILE n 
1 77  VAL n 
1 78  SER n 
1 79  LYS n 
1 80  ALA n 
1 81  ALA n 
1 82  TYR n 
1 83  THR n 
1 84  GLY n 
1 85  LYS n 
1 86  ILE n 
1 87  GLY n 
1 88  ASP n 
1 89  GLY n 
1 90  LYS n 
1 91  ILE n 
1 92  PHE n 
1 93  VAL n 
1 94  ALA n 
1 95  GLU n 
1 96  LEU n 
1 97  GLN n 
1 98  ARG n 
1 99  VAL n 
1 100 ILE n 
1 101 ARG n 
1 102 ILE n 
1 103 ARG n 
1 104 THR n 
1 105 GLY n 
1 106 GLU n 
1 107 ALA n 
1 108 ASP n 
1 109 GLU n 
1 110 ALA n 
1 111 ALA n 
1 112 LEU n 
# 
_entity_src_nat.entity_id                  1 
_entity_src_nat.pdbx_src_id                1 
_entity_src_nat.pdbx_alt_source_flag       sample 
_entity_src_nat.pdbx_beg_seq_num           ? 
_entity_src_nat.pdbx_end_seq_num           ? 
_entity_src_nat.common_name                ? 
_entity_src_nat.pdbx_organism_scientific   'Escherichia coli' 
_entity_src_nat.pdbx_ncbi_taxonomy_id      562 
_entity_src_nat.genus                      Escherichia 
_entity_src_nat.species                    ? 
_entity_src_nat.strain                     RB9040 
_entity_src_nat.tissue                     ? 
_entity_src_nat.tissue_fraction            ? 
_entity_src_nat.pdbx_secretion             ? 
_entity_src_nat.pdbx_fragment              ? 
_entity_src_nat.pdbx_variant               ? 
_entity_src_nat.pdbx_cell_line             ? 
_entity_src_nat.pdbx_atcc                  ? 
_entity_src_nat.pdbx_cellular_location     ? 
_entity_src_nat.pdbx_organ                 ? 
_entity_src_nat.pdbx_organelle             ? 
_entity_src_nat.pdbx_cell                  ? 
_entity_src_nat.pdbx_plasmid_name          PNV102 
_entity_src_nat.pdbx_plasmid_details       ? 
_entity_src_nat.details                    ? 
# 
loop_
_chem_comp.id 
_chem_comp.type 
_chem_comp.mon_nstd_flag 
_chem_comp.name 
_chem_comp.pdbx_synonyms 
_chem_comp.formula 
_chem_comp.formula_weight 
ALA 'L-peptide linking' y ALANINE                     ? 'C3 H7 N O2'        89.093  
ARG 'L-peptide linking' y ARGININE                    ? 'C6 H15 N4 O2 1'    175.209 
ASN 'L-peptide linking' y ASPARAGINE                  ? 'C4 H8 N2 O3'       132.118 
ASP 'L-peptide linking' y 'ASPARTIC ACID'             ? 'C4 H7 N O4'        133.103 
ATP non-polymer         . "ADENOSINE-5'-TRIPHOSPHATE" ? 'C10 H16 N5 O13 P3' 507.181 
GLN 'L-peptide linking' y GLUTAMINE                   ? 'C5 H10 N2 O3'      146.144 
GLU 'L-peptide linking' y 'GLUTAMIC ACID'             ? 'C5 H9 N O4'        147.129 
GLY 'peptide linking'   y GLYCINE                     ? 'C2 H5 N O2'        75.067  
HOH non-polymer         . WATER                       ? 'H2 O'              18.015  
ILE 'L-peptide linking' y ISOLEUCINE                  ? 'C6 H13 N O2'       131.173 
LEU 'L-peptide linking' y LEUCINE                     ? 'C6 H13 N O2'       131.173 
LYS 'L-peptide linking' y LYSINE                      ? 'C6 H15 N2 O2 1'    147.195 
MET 'L-peptide linking' y METHIONINE                  ? 'C5 H11 N O2 S'     149.211 
PHE 'L-peptide linking' y PHENYLALANINE               ? 'C9 H11 N O2'       165.189 
PRO 'L-peptide linking' y PROLINE                     ? 'C5 H9 N O2'        115.130 
SER 'L-peptide linking' y SERINE                      ? 'C3 H7 N O3'        105.093 
THR 'L-peptide linking' y THREONINE                   ? 'C4 H9 N O3'        119.119 
TYR 'L-peptide linking' y TYROSINE                    ? 'C9 H11 N O3'       181.189 
VAL 'L-peptide linking' y VALINE                      ? 'C5 H11 N O2'       117.146 
# 
loop_
_pdbx_poly_seq_scheme.asym_id 
_pdbx_poly_seq_scheme.entity_id 
_pdbx_poly_seq_scheme.seq_id 
_pdbx_poly_seq_scheme.mon_id 
_pdbx_poly_seq_scheme.ndb_seq_num 
_pdbx_poly_seq_scheme.pdb_seq_num 
_pdbx_poly_seq_scheme.auth_seq_num 
_pdbx_poly_seq_scheme.pdb_mon_id 
_pdbx_poly_seq_scheme.auth_mon_id 
_pdbx_poly_seq_scheme.pdb_strand_id 
_pdbx_poly_seq_scheme.pdb_ins_code 
_pdbx_poly_seq_scheme.hetero 
A 1 1   MET 1   1   1   MET MET A . n 
A 1 2   LYS 2   2   2   LYS LYS A . n 
A 1 3   LEU 3   3   3   LEU LEU A . n 
A 1 4   VAL 4   4   4   VAL VAL A . n 
A 1 5   THR 5   5   5   THR THR A . n 
A 1 6   VAL 6   6   6   VAL VAL A . n 
A 1 7   ILE 7   7   7   ILE ILE A . n 
A 1 8   ILE 8   8   8   ILE ILE A . n 
A 1 9   LYS 9   9   9   LYS LYS A . n 
A 1 10  PRO 10  10  10  PRO PRO A . n 
A 1 11  PHE 11  11  11  PHE PHE A . n 
A 1 12  LYS 12  12  12  LYS LYS A . n 
A 1 13  LEU 13  13  13  LEU LEU A . n 
A 1 14  GLU 14  14  14  GLU GLU A . n 
A 1 15  ASP 15  15  15  ASP ASP A . n 
A 1 16  VAL 16  16  16  VAL VAL A . n 
A 1 17  ARG 17  17  17  ARG ARG A . n 
A 1 18  GLU 18  18  18  GLU GLU A . n 
A 1 19  ALA 19  19  19  ALA ALA A . n 
A 1 20  LEU 20  20  20  LEU LEU A . n 
A 1 21  SER 21  21  21  SER SER A . n 
A 1 22  SER 22  22  22  SER SER A . n 
A 1 23  ILE 23  23  23  ILE ILE A . n 
A 1 24  GLY 24  24  24  GLY GLY A . n 
A 1 25  ILE 25  25  25  ILE ILE A . n 
A 1 26  GLN 26  26  26  GLN GLN A . n 
A 1 27  GLY 27  27  27  GLY GLY A . n 
A 1 28  LEU 28  28  28  LEU LEU A . n 
A 1 29  THR 29  29  29  THR THR A . n 
A 1 30  VAL 30  30  30  VAL VAL A . n 
A 1 31  THR 31  31  31  THR THR A . n 
A 1 32  GLU 32  32  32  GLU GLU A . n 
A 1 33  VAL 33  33  33  VAL VAL A . n 
A 1 34  LYS 34  34  34  LYS ALA A . n 
A 1 35  GLY 35  35  35  GLY GLY A . n 
A 1 36  PHE 36  36  36  PHE PHE A . n 
A 1 37  GLY 37  37  37  GLY GLY A . n 
A 1 38  ARG 38  38  ?   ?   ?   A . n 
A 1 39  GLN 39  39  ?   ?   ?   A . n 
A 1 40  LYS 40  40  ?   ?   ?   A . n 
A 1 41  GLY 41  41  ?   ?   ?   A . n 
A 1 42  ASN 42  42  ?   ?   ?   A . n 
A 1 43  ALA 43  43  ?   ?   ?   A . n 
A 1 44  GLU 44  44  ?   ?   ?   A . n 
A 1 45  LEU 45  45  ?   ?   ?   A . n 
A 1 46  TYR 46  46  ?   ?   ?   A . n 
A 1 47  ARG 47  47  ?   ?   ?   A . n 
A 1 48  GLY 48  48  ?   ?   ?   A . n 
A 1 49  ALA 49  49  ?   ?   ?   A . n 
A 1 50  GLU 50  50  ?   ?   ?   A . n 
A 1 51  TYR 51  51  ?   ?   ?   A . n 
A 1 52  SER 52  52  ?   ?   ?   A . n 
A 1 53  VAL 53  53  ?   ?   ?   A . n 
A 1 54  ASN 54  54  ?   ?   ?   A . n 
A 1 55  PHE 55  55  55  PHE ALA A . n 
A 1 56  LEU 56  56  56  LEU LEU A . n 
A 1 57  PRO 57  57  57  PRO PRO A . n 
A 1 58  LYS 58  58  58  LYS LYS A . n 
A 1 59  VAL 59  59  59  VAL VAL A . n 
A 1 60  LYS 60  60  60  LYS LYS A . n 
A 1 61  ILE 61  61  61  ILE ILE A . n 
A 1 62  ASP 62  62  62  ASP ASP A . n 
A 1 63  VAL 63  63  63  VAL VAL A . n 
A 1 64  ALA 64  64  64  ALA ALA A . n 
A 1 65  ILE 65  65  65  ILE ILE A . n 
A 1 66  ALA 66  66  66  ALA ALA A . n 
A 1 67  ASP 67  67  67  ASP ASP A . n 
A 1 68  ASP 68  68  68  ASP ASP A . n 
A 1 69  GLN 69  69  69  GLN GLN A . n 
A 1 70  LEU 70  70  70  LEU LEU A . n 
A 1 71  ASP 71  71  71  ASP ASP A . n 
A 1 72  GLU 72  72  72  GLU GLU A . n 
A 1 73  VAL 73  73  73  VAL VAL A . n 
A 1 74  ILE 74  74  74  ILE ILE A . n 
A 1 75  ASP 75  75  75  ASP ASP A . n 
A 1 76  ILE 76  76  76  ILE ILE A . n 
A 1 77  VAL 77  77  77  VAL VAL A . n 
A 1 78  SER 78  78  78  SER SER A . n 
A 1 79  LYS 79  79  79  LYS LYS A . n 
A 1 80  ALA 80  80  80  ALA ALA A . n 
A 1 81  ALA 81  81  81  ALA ALA A . n 
A 1 82  TYR 82  82  82  TYR TYR A . n 
A 1 83  THR 83  83  83  THR THR A . n 
A 1 84  GLY 84  84  84  GLY GLY A . n 
A 1 85  LYS 85  85  85  LYS ALA A . n 
A 1 86  ILE 86  86  86  ILE ALA A . n 
A 1 87  GLY 87  87  87  GLY GLY A . n 
A 1 88  ASP 88  88  88  ASP ASP A . n 
A 1 89  GLY 89  89  89  GLY GLY A . n 
A 1 90  LYS 90  90  90  LYS LYS A . n 
A 1 91  ILE 91  91  91  ILE ILE A . n 
A 1 92  PHE 92  92  92  PHE PHE A . n 
A 1 93  VAL 93  93  93  VAL VAL A . n 
A 1 94  ALA 94  94  94  ALA ALA A . n 
A 1 95  GLU 95  95  95  GLU GLU A . n 
A 1 96  LEU 96  96  96  LEU LEU A . n 
A 1 97  GLN 97  97  97  GLN ALA A . n 
A 1 98  ARG 98  98  98  ARG ARG A . n 
A 1 99  VAL 99  99  99  VAL VAL A . n 
A 1 100 ILE 100 100 100 ILE ILE A . n 
A 1 101 ARG 101 101 101 ARG ARG A . n 
A 1 102 ILE 102 102 102 ILE ILE A . n 
A 1 103 ARG 103 103 103 ARG ARG A . n 
A 1 104 THR 104 104 104 THR THR A . n 
A 1 105 GLY 105 105 105 GLY GLY A . n 
A 1 106 GLU 106 106 106 GLU GLU A . n 
A 1 107 ALA 107 107 107 ALA ALA A . n 
A 1 108 ASP 108 108 108 ASP ASP A . n 
A 1 109 GLU 109 109 109 GLU GLU A . n 
A 1 110 ALA 110 110 110 ALA ALA A . n 
A 1 111 ALA 111 111 111 ALA ALA A . n 
A 1 112 LEU 112 112 112 LEU LEU A . n 
# 
loop_
_pdbx_nonpoly_scheme.asym_id 
_pdbx_nonpoly_scheme.entity_id 
_pdbx_nonpoly_scheme.mon_id 
_pdbx_nonpoly_scheme.ndb_seq_num 
_pdbx_nonpoly_scheme.pdb_seq_num 
_pdbx_nonpoly_scheme.auth_seq_num 
_pdbx_nonpoly_scheme.pdb_mon_id 
_pdbx_nonpoly_scheme.auth_mon_id 
_pdbx_nonpoly_scheme.pdb_strand_id 
_pdbx_nonpoly_scheme.pdb_ins_code 
B 2 ATP 1  200 200 ATP ATP A . 
C 3 HOH 1  201 201 HOH HOH A . 
C 3 HOH 2  202 202 HOH HOH A . 
C 3 HOH 3  203 203 HOH HOH A . 
C 3 HOH 4  204 204 HOH HOH A . 
C 3 HOH 5  205 205 HOH HOH A . 
C 3 HOH 6  206 206 HOH HOH A . 
C 3 HOH 7  207 207 HOH HOH A . 
C 3 HOH 8  208 208 HOH HOH A . 
C 3 HOH 9  209 209 HOH HOH A . 
C 3 HOH 10 210 210 HOH HOH A . 
C 3 HOH 11 211 211 HOH HOH A . 
C 3 HOH 12 212 212 HOH HOH A . 
C 3 HOH 13 213 213 HOH HOH A . 
C 3 HOH 14 214 214 HOH HOH A . 
C 3 HOH 15 215 215 HOH HOH A . 
C 3 HOH 16 216 216 HOH HOH A . 
C 3 HOH 17 217 217 HOH HOH A . 
C 3 HOH 18 218 218 HOH HOH A . 
C 3 HOH 19 219 219 HOH HOH A . 
C 3 HOH 20 220 220 HOH HOH A . 
C 3 HOH 21 221 221 HOH HOH A . 
C 3 HOH 22 222 222 HOH HOH A . 
C 3 HOH 23 223 223 HOH HOH A . 
C 3 HOH 24 224 224 HOH HOH A . 
C 3 HOH 25 225 225 HOH HOH A . 
C 3 HOH 26 226 226 HOH HOH A . 
C 3 HOH 27 227 227 HOH HOH A . 
C 3 HOH 28 228 228 HOH HOH A . 
C 3 HOH 29 229 229 HOH HOH A . 
C 3 HOH 30 230 230 HOH HOH A . 
C 3 HOH 31 231 231 HOH HOH A . 
C 3 HOH 32 232 232 HOH HOH A . 
C 3 HOH 33 233 233 HOH HOH A . 
C 3 HOH 34 234 234 HOH HOH A . 
C 3 HOH 35 235 235 HOH HOH A . 
C 3 HOH 36 236 236 HOH HOH A . 
C 3 HOH 37 237 237 HOH HOH A . 
C 3 HOH 38 238 238 HOH HOH A . 
C 3 HOH 39 239 239 HOH HOH A . 
C 3 HOH 40 240 240 HOH HOH A . 
C 3 HOH 41 241 241 HOH HOH A . 
C 3 HOH 42 242 242 HOH HOH A . 
C 3 HOH 43 243 243 HOH HOH A . 
C 3 HOH 44 244 244 HOH HOH A . 
C 3 HOH 45 245 245 HOH HOH A . 
C 3 HOH 46 246 246 HOH HOH A . 
C 3 HOH 47 247 247 HOH HOH A . 
# 
loop_
_pdbx_unobs_or_zero_occ_atoms.id 
_pdbx_unobs_or_zero_occ_atoms.PDB_model_num 
_pdbx_unobs_or_zero_occ_atoms.polymer_flag 
_pdbx_unobs_or_zero_occ_atoms.occupancy_flag 
_pdbx_unobs_or_zero_occ_atoms.auth_asym_id 
_pdbx_unobs_or_zero_occ_atoms.auth_comp_id 
_pdbx_unobs_or_zero_occ_atoms.auth_seq_id 
_pdbx_unobs_or_zero_occ_atoms.PDB_ins_code 
_pdbx_unobs_or_zero_occ_atoms.auth_atom_id 
_pdbx_unobs_or_zero_occ_atoms.label_alt_id 
_pdbx_unobs_or_zero_occ_atoms.label_asym_id 
_pdbx_unobs_or_zero_occ_atoms.label_comp_id 
_pdbx_unobs_or_zero_occ_atoms.label_seq_id 
_pdbx_unobs_or_zero_occ_atoms.label_atom_id 
1  1 Y 1 A LYS 34 ? CG  ? A LYS 34 CG  
2  1 Y 1 A LYS 34 ? CD  ? A LYS 34 CD  
3  1 Y 1 A LYS 34 ? CE  ? A LYS 34 CE  
4  1 Y 1 A LYS 34 ? NZ  ? A LYS 34 NZ  
5  1 Y 1 A PHE 55 ? CG  ? A PHE 55 CG  
6  1 Y 1 A PHE 55 ? CD1 ? A PHE 55 CD1 
7  1 Y 1 A PHE 55 ? CD2 ? A PHE 55 CD2 
8  1 Y 1 A PHE 55 ? CE1 ? A PHE 55 CE1 
9  1 Y 1 A PHE 55 ? CE2 ? A PHE 55 CE2 
10 1 Y 1 A PHE 55 ? CZ  ? A PHE 55 CZ  
11 1 Y 1 A LYS 85 ? CG  ? A LYS 85 CG  
12 1 Y 1 A LYS 85 ? CD  ? A LYS 85 CD  
13 1 Y 1 A LYS 85 ? CE  ? A LYS 85 CE  
14 1 Y 1 A LYS 85 ? NZ  ? A LYS 85 NZ  
15 1 Y 1 A ILE 86 ? CG1 ? A ILE 86 CG1 
16 1 Y 1 A ILE 86 ? CG2 ? A ILE 86 CG2 
17 1 Y 1 A ILE 86 ? CD1 ? A ILE 86 CD1 
18 1 Y 1 A GLN 97 ? CG  ? A GLN 97 CG  
19 1 Y 1 A GLN 97 ? CD  ? A GLN 97 CD  
20 1 Y 1 A GLN 97 ? OE1 ? A GLN 97 OE1 
21 1 Y 1 A GLN 97 ? NE2 ? A GLN 97 NE2 
# 
loop_
_software.name 
_software.classification 
_software.version 
_software.citation_id 
_software.pdbx_ordinal 
AMoRE     phasing          .    ? 1 
X-PLOR    refinement       3.01 ? 2 
DENZO     'data reduction' .    ? 3 
SCALEPACK 'data scaling'   .    ? 4 
# 
_cell.entry_id           2GNK 
_cell.length_a           57.450 
_cell.length_b           57.450 
_cell.length_c           54.790 
_cell.angle_alpha        90.00 
_cell.angle_beta         90.00 
_cell.angle_gamma        120.00 
_cell.Z_PDB              6 
_cell.pdbx_unique_axis   ? 
_cell.length_a_esd       ? 
_cell.length_b_esd       ? 
_cell.length_c_esd       ? 
_cell.angle_alpha_esd    ? 
_cell.angle_beta_esd     ? 
_cell.angle_gamma_esd    ? 
# 
_symmetry.entry_id                         2GNK 
_symmetry.space_group_name_H-M             'P 63' 
_symmetry.pdbx_full_space_group_name_H-M   ? 
_symmetry.cell_setting                     ? 
_symmetry.Int_Tables_number                173 
_symmetry.space_group_name_Hall            ? 
# 
_exptl.entry_id          2GNK 
_exptl.method            'X-RAY DIFFRACTION' 
_exptl.crystals_number   1 
# 
_exptl_crystal.id                    1 
_exptl_crystal.density_meas          ? 
_exptl_crystal.density_Matthews      2.3 
_exptl_crystal.density_percent_sol   50 
_exptl_crystal.description           ? 
_exptl_crystal.F_000                 ? 
_exptl_crystal.preparation           ? 
# 
_exptl_crystal_grow.crystal_id      1 
_exptl_crystal_grow.method          ? 
_exptl_crystal_grow.temp            ? 
_exptl_crystal_grow.temp_details    ? 
_exptl_crystal_grow.pH              5.2 
_exptl_crystal_grow.pdbx_details    '30% MPD, 0.1M NAAC, PH 5.2' 
_exptl_crystal_grow.pdbx_pH_range   . 
# 
_diffrn.id                     1 
_diffrn.ambient_temp           100 
_diffrn.ambient_temp_details   ? 
_diffrn.crystal_id             1 
# 
_diffrn_detector.diffrn_id              1 
_diffrn_detector.detector               'IMAGE PLATE' 
_diffrn_detector.type                   'RIGAKU RAXIS II' 
_diffrn_detector.pdbx_collection_date   1997-07-15 
_diffrn_detector.details                ? 
# 
_diffrn_radiation.diffrn_id                        1 
_diffrn_radiation.wavelength_id                    1 
_diffrn_radiation.pdbx_monochromatic_or_laue_m_l   M 
_diffrn_radiation.monochromator                    ? 
_diffrn_radiation.pdbx_diffrn_protocol             'SINGLE WAVELENGTH' 
_diffrn_radiation.pdbx_scattering_type             x-ray 
# 
_diffrn_radiation_wavelength.id           1 
_diffrn_radiation_wavelength.wavelength   1.5418 
_diffrn_radiation_wavelength.wt           1.0 
# 
_diffrn_source.diffrn_id                   1 
_diffrn_source.source                      'ROTATING ANODE' 
_diffrn_source.type                        'RIGAKU RU200' 
_diffrn_source.pdbx_synchrotron_site       ? 
_diffrn_source.pdbx_synchrotron_beamline   ? 
_diffrn_source.pdbx_wavelength             1.5418 
_diffrn_source.pdbx_wavelength_list        ? 
# 
_reflns.entry_id                     2GNK 
_reflns.observed_criterion_sigma_I   ? 
_reflns.observed_criterion_sigma_F   ? 
_reflns.d_resolution_low             25.0 
_reflns.d_resolution_high            2.0 
_reflns.number_obs                   6913 
_reflns.number_all                   ? 
_reflns.percent_possible_obs         99.8 
_reflns.pdbx_Rmerge_I_obs            0.0390000 
_reflns.pdbx_Rsym_value              ? 
_reflns.pdbx_netI_over_sigmaI        ? 
_reflns.B_iso_Wilson_estimate        ? 
_reflns.pdbx_redundancy              6.4 
_reflns.R_free_details               ? 
_reflns.limit_h_max                  ? 
_reflns.limit_h_min                  ? 
_reflns.limit_k_max                  ? 
_reflns.limit_k_min                  ? 
_reflns.limit_l_max                  ? 
_reflns.limit_l_min                  ? 
_reflns.observed_criterion_F_max     ? 
_reflns.observed_criterion_F_min     ? 
_reflns.pdbx_chi_squared             ? 
_reflns.pdbx_scaling_rejects         ? 
_reflns.pdbx_ordinal                 1 
_reflns.pdbx_diffrn_id               1 
# 
_reflns_shell.d_res_high             2.0 
_reflns_shell.d_res_low              2.07 
_reflns_shell.percent_possible_all   ? 
_reflns_shell.Rmerge_I_obs           0.2040000 
_reflns_shell.pdbx_Rsym_value        ? 
_reflns_shell.meanI_over_sigI_obs    ? 
_reflns_shell.pdbx_redundancy        ? 
_reflns_shell.percent_possible_obs   ? 
_reflns_shell.number_unique_all      ? 
_reflns_shell.number_measured_all    ? 
_reflns_shell.number_measured_obs    ? 
_reflns_shell.number_unique_obs      ? 
_reflns_shell.pdbx_chi_squared       ? 
_reflns_shell.pdbx_ordinal           1 
_reflns_shell.pdbx_diffrn_id         1 
# 
_refine.entry_id                                 2GNK 
_refine.ls_number_reflns_obs                     6773 
_refine.ls_number_reflns_all                     ? 
_refine.pdbx_ls_sigma_I                          ? 
_refine.pdbx_ls_sigma_F                          3.0 
_refine.pdbx_data_cutoff_high_absF               ? 
_refine.pdbx_data_cutoff_low_absF                ? 
_refine.pdbx_data_cutoff_high_rms_absF           ? 
_refine.ls_d_res_low                             6.00 
_refine.ls_d_res_high                            2.00 
_refine.ls_percent_reflns_obs                    92.2 
_refine.ls_R_factor_obs                          0.2100000 
_refine.ls_R_factor_all                          ? 
_refine.ls_R_factor_R_work                       0.2100000 
_refine.ls_R_factor_R_free                       0.2620000 
_refine.ls_R_factor_R_free_error                 ? 
_refine.ls_R_factor_R_free_error_details         ? 
_refine.ls_percent_reflns_R_free                 7.4 
_refine.ls_number_reflns_R_free                  537 
_refine.ls_number_parameters                     ? 
_refine.ls_number_restraints                     ? 
_refine.occupancy_min                            ? 
_refine.occupancy_max                            ? 
_refine.B_iso_mean                               24.0 
_refine.aniso_B[1][1]                            ? 
_refine.aniso_B[2][2]                            ? 
_refine.aniso_B[3][3]                            ? 
_refine.aniso_B[1][2]                            ? 
_refine.aniso_B[1][3]                            ? 
_refine.aniso_B[2][3]                            ? 
_refine.solvent_model_details                    ? 
_refine.solvent_model_param_ksol                 ? 
_refine.solvent_model_param_bsol                 ? 
_refine.pdbx_ls_cross_valid_method               THROUGHOUT 
_refine.details                                  ? 
_refine.pdbx_starting_model                      ? 
_refine.pdbx_method_to_determine_struct          'MOLECULAR REPLACEMENT' 
_refine.pdbx_isotropic_thermal_model             ? 
_refine.pdbx_stereochemistry_target_values       ? 
_refine.pdbx_stereochem_target_val_spec_case     ? 
_refine.pdbx_R_Free_selection_details            RANDOM 
_refine.pdbx_overall_ESU_R                       ? 
_refine.pdbx_overall_ESU_R_Free                  ? 
_refine.overall_SU_ML                            ? 
_refine.overall_SU_B                             ? 
_refine.ls_redundancy_reflns_obs                 ? 
_refine.B_iso_min                                ? 
_refine.B_iso_max                                ? 
_refine.pdbx_refine_id                           'X-RAY DIFFRACTION' 
_refine.pdbx_overall_phase_error                 ? 
_refine.correlation_coeff_Fo_to_Fc               ? 
_refine.correlation_coeff_Fo_to_Fc_free          ? 
_refine.pdbx_solvent_vdw_probe_radii             ? 
_refine.pdbx_solvent_ion_probe_radii             ? 
_refine.pdbx_solvent_shrinkage_radii             ? 
_refine.overall_SU_R_Cruickshank_DPI             ? 
_refine.overall_SU_R_free                        ? 
_refine.ls_wR_factor_R_free                      ? 
_refine.ls_wR_factor_R_work                      ? 
_refine.overall_FOM_free_R_set                   ? 
_refine.overall_FOM_work_R_set                   ? 
_refine.pdbx_diffrn_id                           1 
_refine.pdbx_TLS_residual_ADP_flag               ? 
_refine.pdbx_overall_SU_R_free_Cruickshank_DPI   ? 
_refine.pdbx_overall_SU_R_Blow_DPI               ? 
_refine.pdbx_overall_SU_R_free_Blow_DPI          ? 
# 
_refine_hist.pdbx_refine_id                   'X-RAY DIFFRACTION' 
_refine_hist.cycle_id                         LAST 
_refine_hist.pdbx_number_atoms_protein        704 
_refine_hist.pdbx_number_atoms_nucleic_acid   0 
_refine_hist.pdbx_number_atoms_ligand         31 
_refine_hist.number_atoms_solvent             47 
_refine_hist.number_atoms_total               782 
_refine_hist.d_res_high                       2.00 
_refine_hist.d_res_low                        6.00 
# 
loop_
_refine_ls_restr.type 
_refine_ls_restr.dev_ideal 
_refine_ls_restr.dev_ideal_target 
_refine_ls_restr.weight 
_refine_ls_restr.number 
_refine_ls_restr.pdbx_refine_id 
_refine_ls_restr.pdbx_restraint_function 
x_bond_d                0.012 ? ? ? 'X-RAY DIFFRACTION' ? 
x_bond_d_na             ?     ? ? ? 'X-RAY DIFFRACTION' ? 
x_bond_d_prot           ?     ? ? ? 'X-RAY DIFFRACTION' ? 
x_angle_d               ?     ? ? ? 'X-RAY DIFFRACTION' ? 
x_angle_d_na            ?     ? ? ? 'X-RAY DIFFRACTION' ? 
x_angle_d_prot          ?     ? ? ? 'X-RAY DIFFRACTION' ? 
x_angle_deg             1.590 ? ? ? 'X-RAY DIFFRACTION' ? 
x_angle_deg_na          ?     ? ? ? 'X-RAY DIFFRACTION' ? 
x_angle_deg_prot        ?     ? ? ? 'X-RAY DIFFRACTION' ? 
x_dihedral_angle_d      ?     ? ? ? 'X-RAY DIFFRACTION' ? 
x_dihedral_angle_d_na   ?     ? ? ? 'X-RAY DIFFRACTION' ? 
x_dihedral_angle_d_prot ?     ? ? ? 'X-RAY DIFFRACTION' ? 
x_improper_angle_d      ?     ? ? ? 'X-RAY DIFFRACTION' ? 
x_improper_angle_d_na   ?     ? ? ? 'X-RAY DIFFRACTION' ? 
x_improper_angle_d_prot ?     ? ? ? 'X-RAY DIFFRACTION' ? 
x_mcbond_it             ?     ? ? ? 'X-RAY DIFFRACTION' ? 
x_mcangle_it            ?     ? ? ? 'X-RAY DIFFRACTION' ? 
x_scbond_it             ?     ? ? ? 'X-RAY DIFFRACTION' ? 
x_scangle_it            ?     ? ? ? 'X-RAY DIFFRACTION' ? 
# 
_refine_ls_shell.pdbx_total_number_of_bins_used   10 
_refine_ls_shell.d_res_high                       2.00 
_refine_ls_shell.d_res_low                        2.07 
_refine_ls_shell.number_reflns_R_work             392 
_refine_ls_shell.R_factor_R_work                  0.2910000 
_refine_ls_shell.percent_reflns_obs               63.0 
_refine_ls_shell.R_factor_R_free                  0.2780000 
_refine_ls_shell.R_factor_R_free_error            ? 
_refine_ls_shell.percent_reflns_R_free            6.3 
_refine_ls_shell.number_reflns_R_free             29 
_refine_ls_shell.redundancy_reflns_obs            ? 
_refine_ls_shell.number_reflns_all                ? 
_refine_ls_shell.number_reflns_obs                ? 
_refine_ls_shell.pdbx_refine_id                   'X-RAY DIFFRACTION' 
_refine_ls_shell.R_factor_all                     ? 
# 
_pdbx_xplor_file.serial_no        1 
_pdbx_xplor_file.param_file       PARHCSDX.PRO 
_pdbx_xplor_file.topol_file       TOPHCSDX.PRO 
_pdbx_xplor_file.pdbx_refine_id   'X-RAY DIFFRACTION' 
# 
_struct.entry_id                  2GNK 
_struct.title                     'GLNK, A SIGNAL PROTEIN FROM E. COLI' 
_struct.pdbx_model_details        ? 
_struct.pdbx_CASP_flag            ? 
_struct.pdbx_model_type_details   ? 
# 
_struct_keywords.entry_id        2GNK 
_struct_keywords.pdbx_keywords   'SIGNALING PROTEIN' 
_struct_keywords.text            'SIGNALING PROTEIN' 
# 
loop_
_struct_asym.id 
_struct_asym.pdbx_blank_PDB_chainid_flag 
_struct_asym.pdbx_modified 
_struct_asym.entity_id 
_struct_asym.details 
A N N 1 ? 
B N N 2 ? 
C N N 3 ? 
# 
_struct_ref.id                         1 
_struct_ref.db_name                    UNP 
_struct_ref.db_code                    GLNK_ECOLI 
_struct_ref.entity_id                  1 
_struct_ref.pdbx_db_accession          P0AC55 
_struct_ref.pdbx_align_begin           ? 
_struct_ref.pdbx_seq_one_letter_code   ? 
_struct_ref.pdbx_db_isoform            ? 
# 
_struct_ref_seq.align_id                      1 
_struct_ref_seq.ref_id                        1 
_struct_ref_seq.pdbx_PDB_id_code              2GNK 
_struct_ref_seq.pdbx_strand_id                A 
_struct_ref_seq.seq_align_beg                 1 
_struct_ref_seq.pdbx_seq_align_beg_ins_code   ? 
_struct_ref_seq.seq_align_end                 112 
_struct_ref_seq.pdbx_seq_align_end_ins_code   ? 
_struct_ref_seq.pdbx_db_accession             P0AC55 
_struct_ref_seq.db_align_beg                  1 
_struct_ref_seq.pdbx_db_align_beg_ins_code    ? 
_struct_ref_seq.db_align_end                  112 
_struct_ref_seq.pdbx_db_align_end_ins_code    ? 
_struct_ref_seq.pdbx_auth_seq_align_beg       1 
_struct_ref_seq.pdbx_auth_seq_align_end       112 
# 
loop_
_pdbx_struct_assembly.id 
_pdbx_struct_assembly.details 
_pdbx_struct_assembly.method_details 
_pdbx_struct_assembly.oligomeric_details 
_pdbx_struct_assembly.oligomeric_count 
1 software_defined_assembly PISA dimeric  2 
2 software_defined_assembly PQS  trimeric 3 
# 
loop_
_pdbx_struct_assembly_prop.biol_id 
_pdbx_struct_assembly_prop.type 
_pdbx_struct_assembly_prop.value 
_pdbx_struct_assembly_prop.details 
1 'ABSA (A^2)' 8200  ? 
1 MORE         -38   ? 
1 'SSA (A^2)'  11570 ? 
# 
loop_
_pdbx_struct_assembly_gen.assembly_id 
_pdbx_struct_assembly_gen.oper_expression 
_pdbx_struct_assembly_gen.asym_id_list 
1 1,2   A,B,C 
2 1,3,2 A,B,C 
# 
loop_
_pdbx_struct_oper_list.id 
_pdbx_struct_oper_list.type 
_pdbx_struct_oper_list.name 
_pdbx_struct_oper_list.symmetry_operation 
_pdbx_struct_oper_list.matrix[1][1] 
_pdbx_struct_oper_list.matrix[1][2] 
_pdbx_struct_oper_list.matrix[1][3] 
_pdbx_struct_oper_list.vector[1] 
_pdbx_struct_oper_list.matrix[2][1] 
_pdbx_struct_oper_list.matrix[2][2] 
_pdbx_struct_oper_list.matrix[2][3] 
_pdbx_struct_oper_list.vector[2] 
_pdbx_struct_oper_list.matrix[3][1] 
_pdbx_struct_oper_list.matrix[3][2] 
_pdbx_struct_oper_list.matrix[3][3] 
_pdbx_struct_oper_list.vector[3] 
1 'identity operation'         1_555 x,y,z        1.0000000000 0.0000000000  0.0000000000 0.0000000000   0.0000000000  1.0000000000  0.0000000000  0.0000000000  0.0000000000 0.0000000000  1.0000000000  0.0000000000  
2 'crystal symmetry operation' 3_565 -x+y,-x+1,z  0.5701242233 -0.2333059058 0.7877351867 -3.9276113609  0.6492548544  -0.4595809710 -0.6060144100 20.1455386746 0.5034148428 0.8569443888  -0.1105432523 0.0205618881  
3 'crystal symmetry operation' 2_665 -y+1,x-y+1,z 0.5701242233 0.6492548544  0.5034148428 -10.8507135621 -0.2333059058 -0.4595809710 0.8569443888  8.3245509057  0.7877351867 -0.6060144100 -0.1105432523 15.3046773790 
# 
_struct_biol.id        1 
_struct_biol.details   ? 
# 
loop_
_struct_conf.conf_type_id 
_struct_conf.id 
_struct_conf.pdbx_PDB_helix_id 
_struct_conf.beg_label_comp_id 
_struct_conf.beg_label_asym_id 
_struct_conf.beg_label_seq_id 
_struct_conf.pdbx_beg_PDB_ins_code 
_struct_conf.end_label_comp_id 
_struct_conf.end_label_asym_id 
_struct_conf.end_label_seq_id 
_struct_conf.pdbx_end_PDB_ins_code 
_struct_conf.beg_auth_comp_id 
_struct_conf.beg_auth_asym_id 
_struct_conf.beg_auth_seq_id 
_struct_conf.end_auth_comp_id 
_struct_conf.end_auth_asym_id 
_struct_conf.end_auth_seq_id 
_struct_conf.pdbx_PDB_helix_class 
_struct_conf.details 
_struct_conf.pdbx_PDB_helix_length 
HELX_P HELX_P1 1 PRO A 10  ? SER A 22  ? PRO A 10  SER A 22  5 ? 13 
HELX_P HELX_P2 2 ASP A 67  ? ALA A 81  ? ASP A 67  ALA A 81  5 ? 15 
HELX_P HELX_P3 3 ASP A 108 ? ALA A 110 ? ASP A 108 ALA A 110 5 ? 3  
# 
_struct_conf_type.id          HELX_P 
_struct_conf_type.criteria    ? 
_struct_conf_type.reference   ? 
# 
_struct_sheet.id               A 
_struct_sheet.type             ? 
_struct_sheet.number_strands   4 
_struct_sheet.details          ? 
# 
loop_
_struct_sheet_order.sheet_id 
_struct_sheet_order.range_id_1 
_struct_sheet_order.range_id_2 
_struct_sheet_order.offset 
_struct_sheet_order.sense 
A 1 2 ? anti-parallel 
A 2 3 ? anti-parallel 
A 3 4 ? anti-parallel 
# 
loop_
_struct_sheet_range.sheet_id 
_struct_sheet_range.id 
_struct_sheet_range.beg_label_comp_id 
_struct_sheet_range.beg_label_asym_id 
_struct_sheet_range.beg_label_seq_id 
_struct_sheet_range.pdbx_beg_PDB_ins_code 
_struct_sheet_range.end_label_comp_id 
_struct_sheet_range.end_label_asym_id 
_struct_sheet_range.end_label_seq_id 
_struct_sheet_range.pdbx_end_PDB_ins_code 
_struct_sheet_range.beg_auth_comp_id 
_struct_sheet_range.beg_auth_asym_id 
_struct_sheet_range.beg_auth_seq_id 
_struct_sheet_range.end_auth_comp_id 
_struct_sheet_range.end_auth_asym_id 
_struct_sheet_range.end_auth_seq_id 
A 1 LYS A 90 ? GLU A 95 ? LYS A 90 GLU A 95 
A 2 LYS A 2  ? ILE A 8  ? LYS A 2  ILE A 8  
A 3 LEU A 56 ? ILE A 65 ? LEU A 56 ILE A 65 
A 4 THR A 29 ? GLY A 35 ? THR A 29 GLY A 35 
# 
loop_
_pdbx_struct_sheet_hbond.sheet_id 
_pdbx_struct_sheet_hbond.range_id_1 
_pdbx_struct_sheet_hbond.range_id_2 
_pdbx_struct_sheet_hbond.range_1_label_atom_id 
_pdbx_struct_sheet_hbond.range_1_label_comp_id 
_pdbx_struct_sheet_hbond.range_1_label_asym_id 
_pdbx_struct_sheet_hbond.range_1_label_seq_id 
_pdbx_struct_sheet_hbond.range_1_PDB_ins_code 
_pdbx_struct_sheet_hbond.range_1_auth_atom_id 
_pdbx_struct_sheet_hbond.range_1_auth_comp_id 
_pdbx_struct_sheet_hbond.range_1_auth_asym_id 
_pdbx_struct_sheet_hbond.range_1_auth_seq_id 
_pdbx_struct_sheet_hbond.range_2_label_atom_id 
_pdbx_struct_sheet_hbond.range_2_label_comp_id 
_pdbx_struct_sheet_hbond.range_2_label_asym_id 
_pdbx_struct_sheet_hbond.range_2_label_seq_id 
_pdbx_struct_sheet_hbond.range_2_PDB_ins_code 
_pdbx_struct_sheet_hbond.range_2_auth_atom_id 
_pdbx_struct_sheet_hbond.range_2_auth_comp_id 
_pdbx_struct_sheet_hbond.range_2_auth_asym_id 
_pdbx_struct_sheet_hbond.range_2_auth_seq_id 
A 1 2 O LYS A 90 ? O LYS A 90 N ILE A 7  ? N ILE A 7  
A 2 3 O LYS A 2  ? O LYS A 2  N ILE A 65 ? N ILE A 65 
A 3 4 O LEU A 56 ? O LEU A 56 N GLY A 35 ? N GLY A 35 
# 
_struct_site.id                   AC1 
_struct_site.pdbx_evidence_code   Software 
_struct_site.pdbx_auth_asym_id    A 
_struct_site.pdbx_auth_comp_id    ATP 
_struct_site.pdbx_auth_seq_id     200 
_struct_site.pdbx_auth_ins_code   ? 
_struct_site.pdbx_num_residues    17 
_struct_site.details              'BINDING SITE FOR RESIDUE ATP A 200' 
# 
loop_
_struct_site_gen.id 
_struct_site_gen.site_id 
_struct_site_gen.pdbx_num_res 
_struct_site_gen.label_comp_id 
_struct_site_gen.label_asym_id 
_struct_site_gen.label_seq_id 
_struct_site_gen.pdbx_auth_ins_code 
_struct_site_gen.auth_comp_id 
_struct_site_gen.auth_asym_id 
_struct_site_gen.auth_seq_id 
_struct_site_gen.label_atom_id 
_struct_site_gen.label_alt_id 
_struct_site_gen.symmetry 
_struct_site_gen.details 
1  AC1 17 ILE A 7   ? ILE A 7   . ? 1_555 ? 
2  AC1 17 GLY A 27  ? GLY A 27  . ? 3_565 ? 
3  AC1 17 LEU A 28  ? LEU A 28  . ? 3_565 ? 
4  AC1 17 THR A 29  ? THR A 29  . ? 3_565 ? 
5  AC1 17 GLY A 35  ? GLY A 35  . ? 1_555 ? 
6  AC1 17 GLY A 37  ? GLY A 37  . ? 1_555 ? 
7  AC1 17 LYS A 58  ? LYS A 58  . ? 1_555 ? 
8  AC1 17 ASP A 62  ? ASP A 62  . ? 3_565 ? 
9  AC1 17 VAL A 63  ? VAL A 63  . ? 3_565 ? 
10 AC1 17 ALA A 64  ? ALA A 64  . ? 3_565 ? 
11 AC1 17 GLY A 87  ? GLY A 87  . ? 1_555 ? 
12 AC1 17 GLY A 89  ? GLY A 89  . ? 1_555 ? 
13 AC1 17 LYS A 90  ? LYS A 90  . ? 1_555 ? 
14 AC1 17 ARG A 101 ? ARG A 101 . ? 3_565 ? 
15 AC1 17 ARG A 103 ? ARG A 103 . ? 3_565 ? 
16 AC1 17 HOH C .   ? HOH A 203 . ? 1_555 ? 
17 AC1 17 HOH C .   ? HOH A 232 . ? 3_565 ? 
# 
loop_
_pdbx_validate_torsion.id 
_pdbx_validate_torsion.PDB_model_num 
_pdbx_validate_torsion.auth_comp_id 
_pdbx_validate_torsion.auth_asym_id 
_pdbx_validate_torsion.auth_seq_id 
_pdbx_validate_torsion.PDB_ins_code 
_pdbx_validate_torsion.label_alt_id 
_pdbx_validate_torsion.phi 
_pdbx_validate_torsion.psi 
1 1 THR A 83  ? ? -148.23 -21.96  
2 1 ASP A 108 ? ? 56.77   -123.73 
# 
loop_
_pdbx_unobs_or_zero_occ_residues.id 
_pdbx_unobs_or_zero_occ_residues.PDB_model_num 
_pdbx_unobs_or_zero_occ_residues.polymer_flag 
_pdbx_unobs_or_zero_occ_residues.occupancy_flag 
_pdbx_unobs_or_zero_occ_residues.auth_asym_id 
_pdbx_unobs_or_zero_occ_residues.auth_comp_id 
_pdbx_unobs_or_zero_occ_residues.auth_seq_id 
_pdbx_unobs_or_zero_occ_residues.PDB_ins_code 
_pdbx_unobs_or_zero_occ_residues.label_asym_id 
_pdbx_unobs_or_zero_occ_residues.label_comp_id 
_pdbx_unobs_or_zero_occ_residues.label_seq_id 
1  1 Y 1 A ARG 38 ? A ARG 38 
2  1 Y 1 A GLN 39 ? A GLN 39 
3  1 Y 1 A LYS 40 ? A LYS 40 
4  1 Y 1 A GLY 41 ? A GLY 41 
5  1 Y 1 A ASN 42 ? A ASN 42 
6  1 Y 1 A ALA 43 ? A ALA 43 
7  1 Y 1 A GLU 44 ? A GLU 44 
8  1 Y 1 A LEU 45 ? A LEU 45 
9  1 Y 1 A TYR 46 ? A TYR 46 
10 1 Y 1 A ARG 47 ? A ARG 47 
11 1 Y 1 A GLY 48 ? A GLY 48 
12 1 Y 1 A ALA 49 ? A ALA 49 
13 1 Y 1 A GLU 50 ? A GLU 50 
14 1 Y 1 A TYR 51 ? A TYR 51 
15 1 Y 1 A SER 52 ? A SER 52 
16 1 Y 1 A VAL 53 ? A VAL 53 
17 1 Y 1 A ASN 54 ? A ASN 54 
# 
loop_
_chem_comp_atom.comp_id 
_chem_comp_atom.atom_id 
_chem_comp_atom.type_symbol 
_chem_comp_atom.pdbx_aromatic_flag 
_chem_comp_atom.pdbx_stereo_config 
_chem_comp_atom.pdbx_ordinal 
ALA N      N N N 1   
ALA CA     C N S 2   
ALA C      C N N 3   
ALA O      O N N 4   
ALA CB     C N N 5   
ALA OXT    O N N 6   
ALA H      H N N 7   
ALA H2     H N N 8   
ALA HA     H N N 9   
ALA HB1    H N N 10  
ALA HB2    H N N 11  
ALA HB3    H N N 12  
ALA HXT    H N N 13  
ARG N      N N N 14  
ARG CA     C N S 15  
ARG C      C N N 16  
ARG O      O N N 17  
ARG CB     C N N 18  
ARG CG     C N N 19  
ARG CD     C N N 20  
ARG NE     N N N 21  
ARG CZ     C N N 22  
ARG NH1    N N N 23  
ARG NH2    N N N 24  
ARG OXT    O N N 25  
ARG H      H N N 26  
ARG H2     H N N 27  
ARG HA     H N N 28  
ARG HB2    H N N 29  
ARG HB3    H N N 30  
ARG HG2    H N N 31  
ARG HG3    H N N 32  
ARG HD2    H N N 33  
ARG HD3    H N N 34  
ARG HE     H N N 35  
ARG HH11   H N N 36  
ARG HH12   H N N 37  
ARG HH21   H N N 38  
ARG HH22   H N N 39  
ARG HXT    H N N 40  
ASN N      N N N 41  
ASN CA     C N S 42  
ASN C      C N N 43  
ASN O      O N N 44  
ASN CB     C N N 45  
ASN CG     C N N 46  
ASN OD1    O N N 47  
ASN ND2    N N N 48  
ASN OXT    O N N 49  
ASN H      H N N 50  
ASN H2     H N N 51  
ASN HA     H N N 52  
ASN HB2    H N N 53  
ASN HB3    H N N 54  
ASN HD21   H N N 55  
ASN HD22   H N N 56  
ASN HXT    H N N 57  
ASP N      N N N 58  
ASP CA     C N S 59  
ASP C      C N N 60  
ASP O      O N N 61  
ASP CB     C N N 62  
ASP CG     C N N 63  
ASP OD1    O N N 64  
ASP OD2    O N N 65  
ASP OXT    O N N 66  
ASP H      H N N 67  
ASP H2     H N N 68  
ASP HA     H N N 69  
ASP HB2    H N N 70  
ASP HB3    H N N 71  
ASP HD2    H N N 72  
ASP HXT    H N N 73  
ATP PG     P N N 74  
ATP O1G    O N N 75  
ATP O2G    O N N 76  
ATP O3G    O N N 77  
ATP PB     P N R 78  
ATP O1B    O N N 79  
ATP O2B    O N N 80  
ATP O3B    O N N 81  
ATP PA     P N R 82  
ATP O1A    O N N 83  
ATP O2A    O N N 84  
ATP O3A    O N N 85  
ATP "O5'"  O N N 86  
ATP "C5'"  C N N 87  
ATP "C4'"  C N R 88  
ATP "O4'"  O N N 89  
ATP "C3'"  C N S 90  
ATP "O3'"  O N N 91  
ATP "C2'"  C N R 92  
ATP "O2'"  O N N 93  
ATP "C1'"  C N R 94  
ATP N9     N Y N 95  
ATP C8     C Y N 96  
ATP N7     N Y N 97  
ATP C5     C Y N 98  
ATP C6     C Y N 99  
ATP N6     N N N 100 
ATP N1     N Y N 101 
ATP C2     C Y N 102 
ATP N3     N Y N 103 
ATP C4     C Y N 104 
ATP HOG2   H N N 105 
ATP HOG3   H N N 106 
ATP HOB2   H N N 107 
ATP HOA2   H N N 108 
ATP "H5'1" H N N 109 
ATP "H5'2" H N N 110 
ATP "H4'"  H N N 111 
ATP "H3'"  H N N 112 
ATP "HO3'" H N N 113 
ATP "H2'"  H N N 114 
ATP "HO2'" H N N 115 
ATP "H1'"  H N N 116 
ATP H8     H N N 117 
ATP HN61   H N N 118 
ATP HN62   H N N 119 
ATP H2     H N N 120 
GLN N      N N N 121 
GLN CA     C N S 122 
GLN C      C N N 123 
GLN O      O N N 124 
GLN CB     C N N 125 
GLN CG     C N N 126 
GLN CD     C N N 127 
GLN OE1    O N N 128 
GLN NE2    N N N 129 
GLN OXT    O N N 130 
GLN H      H N N 131 
GLN H2     H N N 132 
GLN HA     H N N 133 
GLN HB2    H N N 134 
GLN HB3    H N N 135 
GLN HG2    H N N 136 
GLN HG3    H N N 137 
GLN HE21   H N N 138 
GLN HE22   H N N 139 
GLN HXT    H N N 140 
GLU N      N N N 141 
GLU CA     C N S 142 
GLU C      C N N 143 
GLU O      O N N 144 
GLU CB     C N N 145 
GLU CG     C N N 146 
GLU CD     C N N 147 
GLU OE1    O N N 148 
GLU OE2    O N N 149 
GLU OXT    O N N 150 
GLU H      H N N 151 
GLU H2     H N N 152 
GLU HA     H N N 153 
GLU HB2    H N N 154 
GLU HB3    H N N 155 
GLU HG2    H N N 156 
GLU HG3    H N N 157 
GLU HE2    H N N 158 
GLU HXT    H N N 159 
GLY N      N N N 160 
GLY CA     C N N 161 
GLY C      C N N 162 
GLY O      O N N 163 
GLY OXT    O N N 164 
GLY H      H N N 165 
GLY H2     H N N 166 
GLY HA2    H N N 167 
GLY HA3    H N N 168 
GLY HXT    H N N 169 
HOH O      O N N 170 
HOH H1     H N N 171 
HOH H2     H N N 172 
ILE N      N N N 173 
ILE CA     C N S 174 
ILE C      C N N 175 
ILE O      O N N 176 
ILE CB     C N S 177 
ILE CG1    C N N 178 
ILE CG2    C N N 179 
ILE CD1    C N N 180 
ILE OXT    O N N 181 
ILE H      H N N 182 
ILE H2     H N N 183 
ILE HA     H N N 184 
ILE HB     H N N 185 
ILE HG12   H N N 186 
ILE HG13   H N N 187 
ILE HG21   H N N 188 
ILE HG22   H N N 189 
ILE HG23   H N N 190 
ILE HD11   H N N 191 
ILE HD12   H N N 192 
ILE HD13   H N N 193 
ILE HXT    H N N 194 
LEU N      N N N 195 
LEU CA     C N S 196 
LEU C      C N N 197 
LEU O      O N N 198 
LEU CB     C N N 199 
LEU CG     C N N 200 
LEU CD1    C N N 201 
LEU CD2    C N N 202 
LEU OXT    O N N 203 
LEU H      H N N 204 
LEU H2     H N N 205 
LEU HA     H N N 206 
LEU HB2    H N N 207 
LEU HB3    H N N 208 
LEU HG     H N N 209 
LEU HD11   H N N 210 
LEU HD12   H N N 211 
LEU HD13   H N N 212 
LEU HD21   H N N 213 
LEU HD22   H N N 214 
LEU HD23   H N N 215 
LEU HXT    H N N 216 
LYS N      N N N 217 
LYS CA     C N S 218 
LYS C      C N N 219 
LYS O      O N N 220 
LYS CB     C N N 221 
LYS CG     C N N 222 
LYS CD     C N N 223 
LYS CE     C N N 224 
LYS NZ     N N N 225 
LYS OXT    O N N 226 
LYS H      H N N 227 
LYS H2     H N N 228 
LYS HA     H N N 229 
LYS HB2    H N N 230 
LYS HB3    H N N 231 
LYS HG2    H N N 232 
LYS HG3    H N N 233 
LYS HD2    H N N 234 
LYS HD3    H N N 235 
LYS HE2    H N N 236 
LYS HE3    H N N 237 
LYS HZ1    H N N 238 
LYS HZ2    H N N 239 
LYS HZ3    H N N 240 
LYS HXT    H N N 241 
MET N      N N N 242 
MET CA     C N S 243 
MET C      C N N 244 
MET O      O N N 245 
MET CB     C N N 246 
MET CG     C N N 247 
MET SD     S N N 248 
MET CE     C N N 249 
MET OXT    O N N 250 
MET H      H N N 251 
MET H2     H N N 252 
MET HA     H N N 253 
MET HB2    H N N 254 
MET HB3    H N N 255 
MET HG2    H N N 256 
MET HG3    H N N 257 
MET HE1    H N N 258 
MET HE2    H N N 259 
MET HE3    H N N 260 
MET HXT    H N N 261 
PHE N      N N N 262 
PHE CA     C N S 263 
PHE C      C N N 264 
PHE O      O N N 265 
PHE CB     C N N 266 
PHE CG     C Y N 267 
PHE CD1    C Y N 268 
PHE CD2    C Y N 269 
PHE CE1    C Y N 270 
PHE CE2    C Y N 271 
PHE CZ     C Y N 272 
PHE OXT    O N N 273 
PHE H      H N N 274 
PHE H2     H N N 275 
PHE HA     H N N 276 
PHE HB2    H N N 277 
PHE HB3    H N N 278 
PHE HD1    H N N 279 
PHE HD2    H N N 280 
PHE HE1    H N N 281 
PHE HE2    H N N 282 
PHE HZ     H N N 283 
PHE HXT    H N N 284 
PRO N      N N N 285 
PRO CA     C N S 286 
PRO C      C N N 287 
PRO O      O N N 288 
PRO CB     C N N 289 
PRO CG     C N N 290 
PRO CD     C N N 291 
PRO OXT    O N N 292 
PRO H      H N N 293 
PRO HA     H N N 294 
PRO HB2    H N N 295 
PRO HB3    H N N 296 
PRO HG2    H N N 297 
PRO HG3    H N N 298 
PRO HD2    H N N 299 
PRO HD3    H N N 300 
PRO HXT    H N N 301 
SER N      N N N 302 
SER CA     C N S 303 
SER C      C N N 304 
SER O      O N N 305 
SER CB     C N N 306 
SER OG     O N N 307 
SER OXT    O N N 308 
SER H      H N N 309 
SER H2     H N N 310 
SER HA     H N N 311 
SER HB2    H N N 312 
SER HB3    H N N 313 
SER HG     H N N 314 
SER HXT    H N N 315 
THR N      N N N 316 
THR CA     C N S 317 
THR C      C N N 318 
THR O      O N N 319 
THR CB     C N R 320 
THR OG1    O N N 321 
THR CG2    C N N 322 
THR OXT    O N N 323 
THR H      H N N 324 
THR H2     H N N 325 
THR HA     H N N 326 
THR HB     H N N 327 
THR HG1    H N N 328 
THR HG21   H N N 329 
THR HG22   H N N 330 
THR HG23   H N N 331 
THR HXT    H N N 332 
TYR N      N N N 333 
TYR CA     C N S 334 
TYR C      C N N 335 
TYR O      O N N 336 
TYR CB     C N N 337 
TYR CG     C Y N 338 
TYR CD1    C Y N 339 
TYR CD2    C Y N 340 
TYR CE1    C Y N 341 
TYR CE2    C Y N 342 
TYR CZ     C Y N 343 
TYR OH     O N N 344 
TYR OXT    O N N 345 
TYR H      H N N 346 
TYR H2     H N N 347 
TYR HA     H N N 348 
TYR HB2    H N N 349 
TYR HB3    H N N 350 
TYR HD1    H N N 351 
TYR HD2    H N N 352 
TYR HE1    H N N 353 
TYR HE2    H N N 354 
TYR HH     H N N 355 
TYR HXT    H N N 356 
VAL N      N N N 357 
VAL CA     C N S 358 
VAL C      C N N 359 
VAL O      O N N 360 
VAL CB     C N N 361 
VAL CG1    C N N 362 
VAL CG2    C N N 363 
VAL OXT    O N N 364 
VAL H      H N N 365 
VAL H2     H N N 366 
VAL HA     H N N 367 
VAL HB     H N N 368 
VAL HG11   H N N 369 
VAL HG12   H N N 370 
VAL HG13   H N N 371 
VAL HG21   H N N 372 
VAL HG22   H N N 373 
VAL HG23   H N N 374 
VAL HXT    H N N 375 
# 
loop_
_chem_comp_bond.comp_id 
_chem_comp_bond.atom_id_1 
_chem_comp_bond.atom_id_2 
_chem_comp_bond.value_order 
_chem_comp_bond.pdbx_aromatic_flag 
_chem_comp_bond.pdbx_stereo_config 
_chem_comp_bond.pdbx_ordinal 
ALA N     CA     sing N N 1   
ALA N     H      sing N N 2   
ALA N     H2     sing N N 3   
ALA CA    C      sing N N 4   
ALA CA    CB     sing N N 5   
ALA CA    HA     sing N N 6   
ALA C     O      doub N N 7   
ALA C     OXT    sing N N 8   
ALA CB    HB1    sing N N 9   
ALA CB    HB2    sing N N 10  
ALA CB    HB3    sing N N 11  
ALA OXT   HXT    sing N N 12  
ARG N     CA     sing N N 13  
ARG N     H      sing N N 14  
ARG N     H2     sing N N 15  
ARG CA    C      sing N N 16  
ARG CA    CB     sing N N 17  
ARG CA    HA     sing N N 18  
ARG C     O      doub N N 19  
ARG C     OXT    sing N N 20  
ARG CB    CG     sing N N 21  
ARG CB    HB2    sing N N 22  
ARG CB    HB3    sing N N 23  
ARG CG    CD     sing N N 24  
ARG CG    HG2    sing N N 25  
ARG CG    HG3    sing N N 26  
ARG CD    NE     sing N N 27  
ARG CD    HD2    sing N N 28  
ARG CD    HD3    sing N N 29  
ARG NE    CZ     sing N N 30  
ARG NE    HE     sing N N 31  
ARG CZ    NH1    sing N N 32  
ARG CZ    NH2    doub N N 33  
ARG NH1   HH11   sing N N 34  
ARG NH1   HH12   sing N N 35  
ARG NH2   HH21   sing N N 36  
ARG NH2   HH22   sing N N 37  
ARG OXT   HXT    sing N N 38  
ASN N     CA     sing N N 39  
ASN N     H      sing N N 40  
ASN N     H2     sing N N 41  
ASN CA    C      sing N N 42  
ASN CA    CB     sing N N 43  
ASN CA    HA     sing N N 44  
ASN C     O      doub N N 45  
ASN C     OXT    sing N N 46  
ASN CB    CG     sing N N 47  
ASN CB    HB2    sing N N 48  
ASN CB    HB3    sing N N 49  
ASN CG    OD1    doub N N 50  
ASN CG    ND2    sing N N 51  
ASN ND2   HD21   sing N N 52  
ASN ND2   HD22   sing N N 53  
ASN OXT   HXT    sing N N 54  
ASP N     CA     sing N N 55  
ASP N     H      sing N N 56  
ASP N     H2     sing N N 57  
ASP CA    C      sing N N 58  
ASP CA    CB     sing N N 59  
ASP CA    HA     sing N N 60  
ASP C     O      doub N N 61  
ASP C     OXT    sing N N 62  
ASP CB    CG     sing N N 63  
ASP CB    HB2    sing N N 64  
ASP CB    HB3    sing N N 65  
ASP CG    OD1    doub N N 66  
ASP CG    OD2    sing N N 67  
ASP OD2   HD2    sing N N 68  
ASP OXT   HXT    sing N N 69  
ATP PG    O1G    doub N N 70  
ATP PG    O2G    sing N N 71  
ATP PG    O3G    sing N N 72  
ATP PG    O3B    sing N N 73  
ATP O2G   HOG2   sing N N 74  
ATP O3G   HOG3   sing N N 75  
ATP PB    O1B    doub N N 76  
ATP PB    O2B    sing N N 77  
ATP PB    O3B    sing N N 78  
ATP PB    O3A    sing N N 79  
ATP O2B   HOB2   sing N N 80  
ATP PA    O1A    doub N N 81  
ATP PA    O2A    sing N N 82  
ATP PA    O3A    sing N N 83  
ATP PA    "O5'"  sing N N 84  
ATP O2A   HOA2   sing N N 85  
ATP "O5'" "C5'"  sing N N 86  
ATP "C5'" "C4'"  sing N N 87  
ATP "C5'" "H5'1" sing N N 88  
ATP "C5'" "H5'2" sing N N 89  
ATP "C4'" "O4'"  sing N N 90  
ATP "C4'" "C3'"  sing N N 91  
ATP "C4'" "H4'"  sing N N 92  
ATP "O4'" "C1'"  sing N N 93  
ATP "C3'" "O3'"  sing N N 94  
ATP "C3'" "C2'"  sing N N 95  
ATP "C3'" "H3'"  sing N N 96  
ATP "O3'" "HO3'" sing N N 97  
ATP "C2'" "O2'"  sing N N 98  
ATP "C2'" "C1'"  sing N N 99  
ATP "C2'" "H2'"  sing N N 100 
ATP "O2'" "HO2'" sing N N 101 
ATP "C1'" N9     sing N N 102 
ATP "C1'" "H1'"  sing N N 103 
ATP N9    C8     sing Y N 104 
ATP N9    C4     sing Y N 105 
ATP C8    N7     doub Y N 106 
ATP C8    H8     sing N N 107 
ATP N7    C5     sing Y N 108 
ATP C5    C6     sing Y N 109 
ATP C5    C4     doub Y N 110 
ATP C6    N6     sing N N 111 
ATP C6    N1     doub Y N 112 
ATP N6    HN61   sing N N 113 
ATP N6    HN62   sing N N 114 
ATP N1    C2     sing Y N 115 
ATP C2    N3     doub Y N 116 
ATP C2    H2     sing N N 117 
ATP N3    C4     sing Y N 118 
GLN N     CA     sing N N 119 
GLN N     H      sing N N 120 
GLN N     H2     sing N N 121 
GLN CA    C      sing N N 122 
GLN CA    CB     sing N N 123 
GLN CA    HA     sing N N 124 
GLN C     O      doub N N 125 
GLN C     OXT    sing N N 126 
GLN CB    CG     sing N N 127 
GLN CB    HB2    sing N N 128 
GLN CB    HB3    sing N N 129 
GLN CG    CD     sing N N 130 
GLN CG    HG2    sing N N 131 
GLN CG    HG3    sing N N 132 
GLN CD    OE1    doub N N 133 
GLN CD    NE2    sing N N 134 
GLN NE2   HE21   sing N N 135 
GLN NE2   HE22   sing N N 136 
GLN OXT   HXT    sing N N 137 
GLU N     CA     sing N N 138 
GLU N     H      sing N N 139 
GLU N     H2     sing N N 140 
GLU CA    C      sing N N 141 
GLU CA    CB     sing N N 142 
GLU CA    HA     sing N N 143 
GLU C     O      doub N N 144 
GLU C     OXT    sing N N 145 
GLU CB    CG     sing N N 146 
GLU CB    HB2    sing N N 147 
GLU CB    HB3    sing N N 148 
GLU CG    CD     sing N N 149 
GLU CG    HG2    sing N N 150 
GLU CG    HG3    sing N N 151 
GLU CD    OE1    doub N N 152 
GLU CD    OE2    sing N N 153 
GLU OE2   HE2    sing N N 154 
GLU OXT   HXT    sing N N 155 
GLY N     CA     sing N N 156 
GLY N     H      sing N N 157 
GLY N     H2     sing N N 158 
GLY CA    C      sing N N 159 
GLY CA    HA2    sing N N 160 
GLY CA    HA3    sing N N 161 
GLY C     O      doub N N 162 
GLY C     OXT    sing N N 163 
GLY OXT   HXT    sing N N 164 
HOH O     H1     sing N N 165 
HOH O     H2     sing N N 166 
ILE N     CA     sing N N 167 
ILE N     H      sing N N 168 
ILE N     H2     sing N N 169 
ILE CA    C      sing N N 170 
ILE CA    CB     sing N N 171 
ILE CA    HA     sing N N 172 
ILE C     O      doub N N 173 
ILE C     OXT    sing N N 174 
ILE CB    CG1    sing N N 175 
ILE CB    CG2    sing N N 176 
ILE CB    HB     sing N N 177 
ILE CG1   CD1    sing N N 178 
ILE CG1   HG12   sing N N 179 
ILE CG1   HG13   sing N N 180 
ILE CG2   HG21   sing N N 181 
ILE CG2   HG22   sing N N 182 
ILE CG2   HG23   sing N N 183 
ILE CD1   HD11   sing N N 184 
ILE CD1   HD12   sing N N 185 
ILE CD1   HD13   sing N N 186 
ILE OXT   HXT    sing N N 187 
LEU N     CA     sing N N 188 
LEU N     H      sing N N 189 
LEU N     H2     sing N N 190 
LEU CA    C      sing N N 191 
LEU CA    CB     sing N N 192 
LEU CA    HA     sing N N 193 
LEU C     O      doub N N 194 
LEU C     OXT    sing N N 195 
LEU CB    CG     sing N N 196 
LEU CB    HB2    sing N N 197 
LEU CB    HB3    sing N N 198 
LEU CG    CD1    sing N N 199 
LEU CG    CD2    sing N N 200 
LEU CG    HG     sing N N 201 
LEU CD1   HD11   sing N N 202 
LEU CD1   HD12   sing N N 203 
LEU CD1   HD13   sing N N 204 
LEU CD2   HD21   sing N N 205 
LEU CD2   HD22   sing N N 206 
LEU CD2   HD23   sing N N 207 
LEU OXT   HXT    sing N N 208 
LYS N     CA     sing N N 209 
LYS N     H      sing N N 210 
LYS N     H2     sing N N 211 
LYS CA    C      sing N N 212 
LYS CA    CB     sing N N 213 
LYS CA    HA     sing N N 214 
LYS C     O      doub N N 215 
LYS C     OXT    sing N N 216 
LYS CB    CG     sing N N 217 
LYS CB    HB2    sing N N 218 
LYS CB    HB3    sing N N 219 
LYS CG    CD     sing N N 220 
LYS CG    HG2    sing N N 221 
LYS CG    HG3    sing N N 222 
LYS CD    CE     sing N N 223 
LYS CD    HD2    sing N N 224 
LYS CD    HD3    sing N N 225 
LYS CE    NZ     sing N N 226 
LYS CE    HE2    sing N N 227 
LYS CE    HE3    sing N N 228 
LYS NZ    HZ1    sing N N 229 
LYS NZ    HZ2    sing N N 230 
LYS NZ    HZ3    sing N N 231 
LYS OXT   HXT    sing N N 232 
MET N     CA     sing N N 233 
MET N     H      sing N N 234 
MET N     H2     sing N N 235 
MET CA    C      sing N N 236 
MET CA    CB     sing N N 237 
MET CA    HA     sing N N 238 
MET C     O      doub N N 239 
MET C     OXT    sing N N 240 
MET CB    CG     sing N N 241 
MET CB    HB2    sing N N 242 
MET CB    HB3    sing N N 243 
MET CG    SD     sing N N 244 
MET CG    HG2    sing N N 245 
MET CG    HG3    sing N N 246 
MET SD    CE     sing N N 247 
MET CE    HE1    sing N N 248 
MET CE    HE2    sing N N 249 
MET CE    HE3    sing N N 250 
MET OXT   HXT    sing N N 251 
PHE N     CA     sing N N 252 
PHE N     H      sing N N 253 
PHE N     H2     sing N N 254 
PHE CA    C      sing N N 255 
PHE CA    CB     sing N N 256 
PHE CA    HA     sing N N 257 
PHE C     O      doub N N 258 
PHE C     OXT    sing N N 259 
PHE CB    CG     sing N N 260 
PHE CB    HB2    sing N N 261 
PHE CB    HB3    sing N N 262 
PHE CG    CD1    doub Y N 263 
PHE CG    CD2    sing Y N 264 
PHE CD1   CE1    sing Y N 265 
PHE CD1   HD1    sing N N 266 
PHE CD2   CE2    doub Y N 267 
PHE CD2   HD2    sing N N 268 
PHE CE1   CZ     doub Y N 269 
PHE CE1   HE1    sing N N 270 
PHE CE2   CZ     sing Y N 271 
PHE CE2   HE2    sing N N 272 
PHE CZ    HZ     sing N N 273 
PHE OXT   HXT    sing N N 274 
PRO N     CA     sing N N 275 
PRO N     CD     sing N N 276 
PRO N     H      sing N N 277 
PRO CA    C      sing N N 278 
PRO CA    CB     sing N N 279 
PRO CA    HA     sing N N 280 
PRO C     O      doub N N 281 
PRO C     OXT    sing N N 282 
PRO CB    CG     sing N N 283 
PRO CB    HB2    sing N N 284 
PRO CB    HB3    sing N N 285 
PRO CG    CD     sing N N 286 
PRO CG    HG2    sing N N 287 
PRO CG    HG3    sing N N 288 
PRO CD    HD2    sing N N 289 
PRO CD    HD3    sing N N 290 
PRO OXT   HXT    sing N N 291 
SER N     CA     sing N N 292 
SER N     H      sing N N 293 
SER N     H2     sing N N 294 
SER CA    C      sing N N 295 
SER CA    CB     sing N N 296 
SER CA    HA     sing N N 297 
SER C     O      doub N N 298 
SER C     OXT    sing N N 299 
SER CB    OG     sing N N 300 
SER CB    HB2    sing N N 301 
SER CB    HB3    sing N N 302 
SER OG    HG     sing N N 303 
SER OXT   HXT    sing N N 304 
THR N     CA     sing N N 305 
THR N     H      sing N N 306 
THR N     H2     sing N N 307 
THR CA    C      sing N N 308 
THR CA    CB     sing N N 309 
THR CA    HA     sing N N 310 
THR C     O      doub N N 311 
THR C     OXT    sing N N 312 
THR CB    OG1    sing N N 313 
THR CB    CG2    sing N N 314 
THR CB    HB     sing N N 315 
THR OG1   HG1    sing N N 316 
THR CG2   HG21   sing N N 317 
THR CG2   HG22   sing N N 318 
THR CG2   HG23   sing N N 319 
THR OXT   HXT    sing N N 320 
TYR N     CA     sing N N 321 
TYR N     H      sing N N 322 
TYR N     H2     sing N N 323 
TYR CA    C      sing N N 324 
TYR CA    CB     sing N N 325 
TYR CA    HA     sing N N 326 
TYR C     O      doub N N 327 
TYR C     OXT    sing N N 328 
TYR CB    CG     sing N N 329 
TYR CB    HB2    sing N N 330 
TYR CB    HB3    sing N N 331 
TYR CG    CD1    doub Y N 332 
TYR CG    CD2    sing Y N 333 
TYR CD1   CE1    sing Y N 334 
TYR CD1   HD1    sing N N 335 
TYR CD2   CE2    doub Y N 336 
TYR CD2   HD2    sing N N 337 
TYR CE1   CZ     doub Y N 338 
TYR CE1   HE1    sing N N 339 
TYR CE2   CZ     sing Y N 340 
TYR CE2   HE2    sing N N 341 
TYR CZ    OH     sing N N 342 
TYR OH    HH     sing N N 343 
TYR OXT   HXT    sing N N 344 
VAL N     CA     sing N N 345 
VAL N     H      sing N N 346 
VAL N     H2     sing N N 347 
VAL CA    C      sing N N 348 
VAL CA    CB     sing N N 349 
VAL CA    HA     sing N N 350 
VAL C     O      doub N N 351 
VAL C     OXT    sing N N 352 
VAL CB    CG1    sing N N 353 
VAL CB    CG2    sing N N 354 
VAL CB    HB     sing N N 355 
VAL CG1   HG11   sing N N 356 
VAL CG1   HG12   sing N N 357 
VAL CG1   HG13   sing N N 358 
VAL CG2   HG21   sing N N 359 
VAL CG2   HG22   sing N N 360 
VAL CG2   HG23   sing N N 361 
VAL OXT   HXT    sing N N 362 
# 
_atom_sites.entry_id                    2GNK 
_atom_sites.fract_transf_matrix[1][1]   -0.01037052 
_atom_sites.fract_transf_matrix[1][2]   0.01011614 
_atom_sites.fract_transf_matrix[1][3]   0.01393153 
_atom_sites.fract_transf_matrix[2][1]   -0.00270200 
_atom_sites.fract_transf_matrix[2][2]   0.01982497 
_atom_sites.fract_transf_matrix[2][3]   -0.00190778 
_atom_sites.fract_transf_matrix[3][1]   -0.01541552 
_atom_sites.fract_transf_matrix[3][2]   -0.00299595 
_atom_sites.fract_transf_matrix[3][3]   -0.00929974 
_atom_sites.fract_transf_vector[1]      0.115089 
_atom_sites.fract_transf_vector[2]      0.474955 
_atom_sites.fract_transf_vector[3]      -0.009574 
# 
loop_
_atom_type.symbol 
C 
N 
O 
P 
S 
# 
loop_
_atom_site.group_PDB 
_atom_site.id 
_atom_site.type_symbol 
_atom_site.label_atom_id 
_atom_site.label_alt_id 
_atom_site.label_comp_id 
_atom_site.label_asym_id 
_atom_site.label_entity_id 
_atom_site.label_seq_id 
_atom_site.pdbx_PDB_ins_code 
_atom_site.Cartn_x 
_atom_site.Cartn_y 
_atom_site.Cartn_z 
_atom_site.occupancy 
_atom_site.B_iso_or_equiv 
_atom_site.pdbx_formal_charge 
_atom_site.auth_seq_id 
_atom_site.auth_comp_id 
_atom_site.auth_asym_id 
_atom_site.auth_atom_id 
_atom_site.pdbx_PDB_model_num 
ATOM   1   N N     . MET A 1 1   ? 7.518   1.115   12.573  1.00 23.16 ? 1   MET A N     1 
ATOM   2   C CA    . MET A 1 1   ? 6.307   0.836   11.740  1.00 19.37 ? 1   MET A CA    1 
ATOM   3   C C     . MET A 1 1   ? 6.196   1.911   10.673  1.00 17.74 ? 1   MET A C     1 
ATOM   4   O O     . MET A 1 1   ? 6.639   3.055   10.885  1.00 17.19 ? 1   MET A O     1 
ATOM   5   C CB    . MET A 1 1   ? 5.058   0.844   12.622  1.00 21.38 ? 1   MET A CB    1 
ATOM   6   C CG    . MET A 1 1   ? 5.002   -0.253  13.675  1.00 29.22 ? 1   MET A CG    1 
ATOM   7   S SD    . MET A 1 1   ? 4.070   -1.687  13.162  1.00 38.56 ? 1   MET A SD    1 
ATOM   8   C CE    . MET A 1 1   ? 5.308   -2.736  12.723  1.00 37.99 ? 1   MET A CE    1 
ATOM   9   N N     . LYS A 1 2   ? 5.629   1.559   9.525   1.00 15.62 ? 2   LYS A N     1 
ATOM   10  C CA    . LYS A 1 2   ? 5.471   2.532   8.449   1.00 16.12 ? 2   LYS A CA    1 
ATOM   11  C C     . LYS A 1 2   ? 4.095   2.422   7.820   1.00 15.14 ? 2   LYS A C     1 
ATOM   12  O O     . LYS A 1 2   ? 3.418   1.407   7.963   1.00 17.68 ? 2   LYS A O     1 
ATOM   13  C CB    . LYS A 1 2   ? 6.524   2.314   7.360   1.00 16.84 ? 2   LYS A CB    1 
ATOM   14  C CG    . LYS A 1 2   ? 7.967   2.306   7.864   1.00 20.07 ? 2   LYS A CG    1 
ATOM   15  C CD    . LYS A 1 2   ? 8.687   3.635   7.644   1.00 19.15 ? 2   LYS A CD    1 
ATOM   16  C CE    . LYS A 1 2   ? 10.154  3.562   8.073   1.00 18.09 ? 2   LYS A CE    1 
ATOM   17  N NZ    . LYS A 1 2   ? 10.237  3.536   9.539   1.00 15.20 ? 2   LYS A NZ    1 
ATOM   18  N N     . LEU A 1 3   ? 3.667   3.499   7.181   1.00 16.73 ? 3   LEU A N     1 
ATOM   19  C CA    . LEU A 1 3   ? 2.383   3.524   6.487   1.00 17.43 ? 3   LEU A CA    1 
ATOM   20  C C     . LEU A 1 3   ? 2.804   3.765   5.056   1.00 15.10 ? 3   LEU A C     1 
ATOM   21  O O     . LEU A 1 3   ? 3.428   4.781   4.759   1.00 15.08 ? 3   LEU A O     1 
ATOM   22  C CB    . LEU A 1 3   ? 1.505   4.683   6.948   1.00 15.57 ? 3   LEU A CB    1 
ATOM   23  C CG    . LEU A 1 3   ? 0.005   4.600   6.643   1.00 20.62 ? 3   LEU A CG    1 
ATOM   24  C CD1   . LEU A 1 3   ? -0.552  5.989   6.400   1.00 18.02 ? 3   LEU A CD1   1 
ATOM   25  C CD2   . LEU A 1 3   ? -0.261  3.765   5.440   1.00 21.91 ? 3   LEU A CD2   1 
ATOM   26  N N     . VAL A 1 4   ? 2.543   2.806   4.188   1.00 13.42 ? 4   VAL A N     1 
ATOM   27  C CA    . VAL A 1 4   ? 2.911   2.962   2.792   1.00 15.15 ? 4   VAL A CA    1 
ATOM   28  C C     . VAL A 1 4   ? 1.603   3.150   2.002   1.00 16.94 ? 4   VAL A C     1 
ATOM   29  O O     . VAL A 1 4   ? 0.686   2.305   2.103   1.00 13.79 ? 4   VAL A O     1 
ATOM   30  C CB    . VAL A 1 4   ? 3.706   1.719   2.297   1.00 15.79 ? 4   VAL A CB    1 
ATOM   31  C CG1   . VAL A 1 4   ? 4.201   1.921   0.871   1.00 18.32 ? 4   VAL A CG1   1 
ATOM   32  C CG2   . VAL A 1 4   ? 4.893   1.460   3.228   1.00 18.88 ? 4   VAL A CG2   1 
ATOM   33  N N     . THR A 1 5   ? 1.513   4.283   1.296   1.00 14.33 ? 5   THR A N     1 
ATOM   34  C CA    . THR A 1 5   ? 0.355   4.641   0.468   1.00 13.54 ? 5   THR A CA    1 
ATOM   35  C C     . THR A 1 5   ? 0.620   4.669   -1.035  1.00 14.15 ? 5   THR A C     1 
ATOM   36  O O     . THR A 1 5   ? 1.389   5.504   -1.531  1.00 15.28 ? 5   THR A O     1 
ATOM   37  C CB    . THR A 1 5   ? -0.166  5.990   0.852   1.00 9.88  ? 5   THR A CB    1 
ATOM   38  O OG1   . THR A 1 5   ? -0.495  5.966   2.242   1.00 13.63 ? 5   THR A OG1   1 
ATOM   39  C CG2   . THR A 1 5   ? -1.399  6.335   0.046   1.00 11.02 ? 5   THR A CG2   1 
ATOM   40  N N     . VAL A 1 6   ? -0.081  3.815   -1.767  1.00 15.40 ? 6   VAL A N     1 
ATOM   41  C CA    . VAL A 1 6   ? 0.074   3.740   -3.224  1.00 17.75 ? 6   VAL A CA    1 
ATOM   42  C C     . VAL A 1 6   ? -1.166  4.327   -3.892  1.00 13.08 ? 6   VAL A C     1 
ATOM   43  O O     . VAL A 1 6   ? -2.272  3.989   -3.501  1.00 13.16 ? 6   VAL A O     1 
ATOM   44  C CB    . VAL A 1 6   ? 0.187   2.252   -3.708  1.00 19.10 ? 6   VAL A CB    1 
ATOM   45  C CG1   . VAL A 1 6   ? 0.492   2.202   -5.190  1.00 16.61 ? 6   VAL A CG1   1 
ATOM   46  C CG2   . VAL A 1 6   ? 1.232   1.490   -2.895  1.00 18.52 ? 6   VAL A CG2   1 
ATOM   47  N N     . ILE A 1 7   ? -0.990  5.226   -4.850  1.00 11.21 ? 7   ILE A N     1 
ATOM   48  C CA    . ILE A 1 7   ? -2.131  5.797   -5.581  1.00 13.41 ? 7   ILE A CA    1 
ATOM   49  C C     . ILE A 1 7   ? -1.915  5.513   -7.067  1.00 15.52 ? 7   ILE A C     1 
ATOM   50  O O     . ILE A 1 7   ? -0.910  5.946   -7.654  1.00 14.50 ? 7   ILE A O     1 
ATOM   51  C CB    . ILE A 1 7   ? -2.331  7.301   -5.324  1.00 13.75 ? 7   ILE A CB    1 
ATOM   52  C CG1   . ILE A 1 7   ? -2.429  7.550   -3.807  1.00 8.44  ? 7   ILE A CG1   1 
ATOM   53  C CG2   . ILE A 1 7   ? -3.620  7.759   -6.027  1.00 14.04 ? 7   ILE A CG2   1 
ATOM   54  C CD1   . ILE A 1 7   ? -2.606  8.975   -3.408  1.00 12.54 ? 7   ILE A CD1   1 
ATOM   55  N N     . ILE A 1 8   ? -2.838  4.730   -7.637  1.00 14.38 ? 8   ILE A N     1 
ATOM   56  C CA    . ILE A 1 8   ? -2.754  4.259   -9.015  1.00 13.88 ? 8   ILE A CA    1 
ATOM   57  C C     . ILE A 1 8   ? -4.075  4.221   -9.766  1.00 14.52 ? 8   ILE A C     1 
ATOM   58  O O     . ILE A 1 8   ? -5.136  4.511   -9.203  1.00 14.78 ? 8   ILE A O     1 
ATOM   59  C CB    . ILE A 1 8   ? -2.245  2.811   -9.049  1.00 16.12 ? 8   ILE A CB    1 
ATOM   60  C CG1   . ILE A 1 8   ? -3.150  1.944   -8.161  1.00 16.43 ? 8   ILE A CG1   1 
ATOM   61  C CG2   . ILE A 1 8   ? -0.786  2.753   -8.639  1.00 18.29 ? 8   ILE A CG2   1 
ATOM   62  C CD1   . ILE A 1 8   ? -2.901  0.454   -8.233  1.00 18.33 ? 8   ILE A CD1   1 
ATOM   63  N N     . LYS A 1 9   ? -3.987  3.871   -11.052 1.00 14.53 ? 9   LYS A N     1 
ATOM   64  C CA    . LYS A 1 9   ? -5.128  3.722   -11.942 1.00 15.33 ? 9   LYS A CA    1 
ATOM   65  C C     . LYS A 1 9   ? -5.971  2.579   -11.376 1.00 15.13 ? 9   LYS A C     1 
ATOM   66  O O     . LYS A 1 9   ? -5.411  1.560   -10.950 1.00 13.51 ? 9   LYS A O     1 
ATOM   67  C CB    . LYS A 1 9   ? -4.628  3.325   -13.343 1.00 18.29 ? 9   LYS A CB    1 
ATOM   68  C CG    . LYS A 1 9   ? -3.597  4.287   -13.886 1.00 25.46 ? 9   LYS A CG    1 
ATOM   69  C CD    . LYS A 1 9   ? -4.063  4.980   -15.162 1.00 32.81 ? 9   LYS A CD    1 
ATOM   70  C CE    . LYS A 1 9   ? -3.336  6.308   -15.397 1.00 37.55 ? 9   LYS A CE    1 
ATOM   71  N NZ    . LYS A 1 9   ? -2.763  6.498   -16.756 1.00 40.83 ? 9   LYS A NZ    1 
ATOM   72  N N     . PRO A 1 10  ? -7.308  2.742   -11.333 1.00 14.44 ? 10  PRO A N     1 
ATOM   73  C CA    . PRO A 1 10  ? -8.186  1.695   -10.798 1.00 13.33 ? 10  PRO A CA    1 
ATOM   74  C C     . PRO A 1 10  ? -7.990  0.320   -11.419 1.00 14.99 ? 10  PRO A C     1 
ATOM   75  O O     . PRO A 1 10  ? -8.203  -0.692  -10.759 1.00 16.49 ? 10  PRO A O     1 
ATOM   76  C CB    . PRO A 1 10  ? -9.586  2.245   -11.076 1.00 13.13 ? 10  PRO A CB    1 
ATOM   77  C CG    . PRO A 1 10  ? -9.380  3.724   -10.963 1.00 16.23 ? 10  PRO A CG    1 
ATOM   78  C CD    . PRO A 1 10  ? -8.081  3.940   -11.711 1.00 16.33 ? 10  PRO A CD    1 
ATOM   79  N N     . PHE A 1 11  ? -7.519  0.273   -12.659 1.00 17.74 ? 11  PHE A N     1 
ATOM   80  C CA    . PHE A 1 11  ? -7.324  -1.022  -13.302 1.00 20.79 ? 11  PHE A CA    1 
ATOM   81  C C     . PHE A 1 11  ? -6.136  -1.849  -12.781 1.00 19.34 ? 11  PHE A C     1 
ATOM   82  O O     . PHE A 1 11  ? -6.110  -3.068  -12.931 1.00 17.76 ? 11  PHE A O     1 
ATOM   83  C CB    . PHE A 1 11  ? -7.310  -0.887  -14.832 1.00 21.76 ? 11  PHE A CB    1 
ATOM   84  C CG    . PHE A 1 11  ? -5.954  -0.689  -15.430 1.00 26.00 ? 11  PHE A CG    1 
ATOM   85  C CD1   . PHE A 1 11  ? -5.363  0.579   -15.460 1.00 30.13 ? 11  PHE A CD1   1 
ATOM   86  C CD2   . PHE A 1 11  ? -5.281  -1.755  -16.013 1.00 25.39 ? 11  PHE A CD2   1 
ATOM   87  C CE1   . PHE A 1 11  ? -4.130  0.788   -16.078 1.00 27.11 ? 11  PHE A CE1   1 
ATOM   88  C CE2   . PHE A 1 11  ? -4.042  -1.555  -16.634 1.00 30.41 ? 11  PHE A CE2   1 
ATOM   89  C CZ    . PHE A 1 11  ? -3.468  -0.279  -16.664 1.00 26.72 ? 11  PHE A CZ    1 
ATOM   90  N N     . LYS A 1 12  ? -5.169  -1.202  -12.139 1.00 21.61 ? 12  LYS A N     1 
ATOM   91  C CA    . LYS A 1 12  ? -4.019  -1.949  -11.614 1.00 23.88 ? 12  LYS A CA    1 
ATOM   92  C C     . LYS A 1 12  ? -4.236  -2.485  -10.203 1.00 21.84 ? 12  LYS A C     1 
ATOM   93  O O     . LYS A 1 12  ? -3.333  -3.110  -9.632  1.00 21.58 ? 12  LYS A O     1 
ATOM   94  C CB    . LYS A 1 12  ? -2.722  -1.121  -11.675 1.00 26.87 ? 12  LYS A CB    1 
ATOM   95  C CG    . LYS A 1 12  ? -2.110  -0.925  -13.069 1.00 31.92 ? 12  LYS A CG    1 
ATOM   96  C CD    . LYS A 1 12  ? -1.137  -2.058  -13.465 1.00 36.88 ? 12  LYS A CD    1 
ATOM   97  C CE    . LYS A 1 12  ? -0.572  -1.819  -14.883 1.00 42.76 ? 12  LYS A CE    1 
ATOM   98  N NZ    . LYS A 1 12  ? 0.425   -2.832  -15.367 1.00 44.10 ? 12  LYS A NZ    1 
ATOM   99  N N     . LEU A 1 13  ? -5.436  -2.273  -9.661  1.00 20.87 ? 13  LEU A N     1 
ATOM   100 C CA    . LEU A 1 13  ? -5.790  -2.726  -8.296  1.00 23.77 ? 13  LEU A CA    1 
ATOM   101 C C     . LEU A 1 13  ? -5.417  -4.191  -8.107  1.00 25.46 ? 13  LEU A C     1 
ATOM   102 O O     . LEU A 1 13  ? -4.720  -4.546  -7.158  1.00 24.79 ? 13  LEU A O     1 
ATOM   103 C CB    . LEU A 1 13  ? -7.300  -2.587  -8.022  1.00 19.38 ? 13  LEU A CB    1 
ATOM   104 C CG    . LEU A 1 13  ? -7.766  -2.250  -6.609  1.00 19.57 ? 13  LEU A CG    1 
ATOM   105 C CD1   . LEU A 1 13  ? -9.246  -2.549  -6.484  1.00 19.20 ? 13  LEU A CD1   1 
ATOM   106 C CD2   . LEU A 1 13  ? -6.986  -2.993  -5.553  1.00 19.74 ? 13  LEU A CD2   1 
ATOM   107 N N     . GLU A 1 14  ? -5.886  -5.027  -9.035  1.00 25.02 ? 14  GLU A N     1 
ATOM   108 C CA    . GLU A 1 14  ? -5.633  -6.463  -9.013  1.00 25.45 ? 14  GLU A CA    1 
ATOM   109 C C     . GLU A 1 14  ? -4.149  -6.814  -8.972  1.00 19.92 ? 14  GLU A C     1 
ATOM   110 O O     . GLU A 1 14  ? -3.726  -7.584  -8.125  1.00 19.50 ? 14  GLU A O     1 
ATOM   111 C CB    . GLU A 1 14  ? -6.288  -7.120  -10.235 1.00 30.67 ? 14  GLU A CB    1 
ATOM   112 C CG    . GLU A 1 14  ? -6.217  -8.645  -10.237 1.00 38.67 ? 14  GLU A CG    1 
ATOM   113 C CD    . GLU A 1 14  ? -6.848  -9.268  -8.994  1.00 42.45 ? 14  GLU A CD    1 
ATOM   114 O OE1   . GLU A 1 14  ? -7.873  -8.730  -8.508  1.00 40.62 ? 14  GLU A OE1   1 
ATOM   115 O OE2   . GLU A 1 14  ? -6.305  -10.287 -8.506  1.00 45.68 ? 14  GLU A OE2   1 
ATOM   116 N N     . ASP A 1 15  ? -3.378  -6.225  -9.881  1.00 20.38 ? 15  ASP A N     1 
ATOM   117 C CA    . ASP A 1 15  ? -1.929  -6.457  -9.998  1.00 22.83 ? 15  ASP A CA    1 
ATOM   118 C C     . ASP A 1 15  ? -1.152  -6.169  -8.711  1.00 20.27 ? 15  ASP A C     1 
ATOM   119 O O     . ASP A 1 15  ? -0.332  -6.983  -8.278  1.00 19.45 ? 15  ASP A O     1 
ATOM   120 C CB    . ASP A 1 15  ? -1.362  -5.626  -11.159 1.00 25.77 ? 15  ASP A CB    1 
ATOM   121 C CG    . ASP A 1 15  ? -2.033  -5.949  -12.500 1.00 30.89 ? 15  ASP A CG    1 
ATOM   122 O OD1   . ASP A 1 15  ? -2.067  -5.065  -13.384 1.00 33.61 ? 15  ASP A OD1   1 
ATOM   123 O OD2   . ASP A 1 15  ? -2.536  -7.087  -12.674 1.00 33.65 ? 15  ASP A OD2   1 
ATOM   124 N N     . VAL A 1 16  ? -1.432  -5.021  -8.099  1.00 18.21 ? 16  VAL A N     1 
ATOM   125 C CA    . VAL A 1 16  ? -0.783  -4.634  -6.843  1.00 18.57 ? 16  VAL A CA    1 
ATOM   126 C C     . VAL A 1 16  ? -1.270  -5.474  -5.670  1.00 17.99 ? 16  VAL A C     1 
ATOM   127 O O     . VAL A 1 16  ? -0.483  -5.826  -4.791  1.00 16.39 ? 16  VAL A O     1 
ATOM   128 C CB    . VAL A 1 16  ? -1.014  -3.144  -6.515  1.00 19.56 ? 16  VAL A CB    1 
ATOM   129 C CG1   . VAL A 1 16  ? -0.600  -2.841  -5.066  1.00 19.23 ? 16  VAL A CG1   1 
ATOM   130 C CG2   . VAL A 1 16  ? -0.216  -2.265  -7.501  1.00 20.49 ? 16  VAL A CG2   1 
ATOM   131 N N     . ARG A 1 17  ? -2.558  -5.810  -5.666  1.00 17.51 ? 17  ARG A N     1 
ATOM   132 C CA    . ARG A 1 17  ? -3.144  -6.609  -4.597  1.00 19.32 ? 17  ARG A CA    1 
ATOM   133 C C     . ARG A 1 17  ? -2.576  -8.029  -4.602  1.00 21.20 ? 17  ARG A C     1 
ATOM   134 O O     . ARG A 1 17  ? -2.370  -8.637  -3.548  1.00 22.93 ? 17  ARG A O     1 
ATOM   135 C CB    . ARG A 1 17  ? -4.647  -6.662  -4.759  1.00 22.07 ? 17  ARG A CB    1 
ATOM   136 C CG    . ARG A 1 17  ? -5.356  -6.688  -3.459  1.00 30.05 ? 17  ARG A CG    1 
ATOM   137 C CD    . ARG A 1 17  ? -6.816  -6.890  -3.678  1.00 36.98 ? 17  ARG A CD    1 
ATOM   138 N NE    . ARG A 1 17  ? -7.101  -8.221  -4.205  1.00 42.18 ? 17  ARG A NE    1 
ATOM   139 C CZ    . ARG A 1 17  ? -7.783  -8.450  -5.323  1.00 45.09 ? 17  ARG A CZ    1 
ATOM   140 N NH1   . ARG A 1 17  ? -8.267  -7.430  -6.038  1.00 44.20 ? 17  ARG A NH1   1 
ATOM   141 N NH2   . ARG A 1 17  ? -7.941  -9.699  -5.748  1.00 44.11 ? 17  ARG A NH2   1 
ATOM   142 N N     . GLU A 1 18  ? -2.299  -8.557  -5.790  1.00 24.48 ? 18  GLU A N     1 
ATOM   143 C CA    . GLU A 1 18  ? -1.720  -9.890  -5.879  1.00 25.15 ? 18  GLU A CA    1 
ATOM   144 C C     . GLU A 1 18  ? -0.227  -9.826  -5.559  1.00 23.66 ? 18  GLU A C     1 
ATOM   145 O O     . GLU A 1 18  ? 0.282   -10.671 -4.836  1.00 25.39 ? 18  GLU A O     1 
ATOM   146 C CB    . GLU A 1 18  ? -1.991  -10.532 -7.240  1.00 30.31 ? 18  GLU A CB    1 
ATOM   147 C CG    . GLU A 1 18  ? -1.465  -9.786  -8.442  1.00 40.27 ? 18  GLU A CG    1 
ATOM   148 C CD    . GLU A 1 18  ? -1.879  -10.438 -9.752  1.00 45.16 ? 18  GLU A CD    1 
ATOM   149 O OE1   . GLU A 1 18  ? -1.051  -10.475 -10.695 1.00 46.15 ? 18  GLU A OE1   1 
ATOM   150 O OE2   . GLU A 1 18  ? -3.036  -10.913 -9.829  1.00 49.34 ? 18  GLU A OE2   1 
ATOM   151 N N     . ALA A 1 19  ? 0.444   -8.769  -6.016  1.00 21.20 ? 19  ALA A N     1 
ATOM   152 C CA    . ALA A 1 19  ? 1.859   -8.585  -5.751  1.00 17.05 ? 19  ALA A CA    1 
ATOM   153 C C     . ALA A 1 19  ? 2.040   -8.571  -4.249  1.00 18.44 ? 19  ALA A C     1 
ATOM   154 O O     . ALA A 1 19  ? 2.865   -9.289  -3.713  1.00 21.35 ? 19  ALA A O     1 
ATOM   155 C CB    . ALA A 1 19  ? 2.338   -7.289  -6.353  1.00 14.15 ? 19  ALA A CB    1 
ATOM   156 N N     . LEU A 1 20  ? 1.201   -7.812  -3.565  1.00 22.70 ? 20  LEU A N     1 
ATOM   157 C CA    . LEU A 1 20  ? 1.252   -7.709  -2.109  1.00 26.01 ? 20  LEU A CA    1 
ATOM   158 C C     . LEU A 1 20  ? 1.159   -9.066  -1.421  1.00 27.48 ? 20  LEU A C     1 
ATOM   159 O O     . LEU A 1 20  ? 1.915   -9.351  -0.474  1.00 26.01 ? 20  LEU A O     1 
ATOM   160 C CB    . LEU A 1 20  ? 0.124   -6.807  -1.608  1.00 24.76 ? 20  LEU A CB    1 
ATOM   161 C CG    . LEU A 1 20  ? 0.517   -5.418  -1.112  1.00 28.20 ? 20  LEU A CG    1 
ATOM   162 C CD1   . LEU A 1 20  ? 1.810   -4.920  -1.757  1.00 25.66 ? 20  LEU A CD1   1 
ATOM   163 C CD2   . LEU A 1 20  ? -0.636  -4.482  -1.381  1.00 27.03 ? 20  LEU A CD2   1 
ATOM   164 N N     . SER A 1 21  ? 0.218   -9.884  -1.887  1.00 25.64 ? 21  SER A N     1 
ATOM   165 C CA    . SER A 1 21  ? 0.003   -11.211 -1.332  1.00 28.10 ? 21  SER A CA    1 
ATOM   166 C C     . SER A 1 21  ? 1.223   -12.100 -1.500  1.00 25.52 ? 21  SER A C     1 
ATOM   167 O O     . SER A 1 21  ? 1.433   -12.992 -0.694  1.00 26.55 ? 21  SER A O     1 
ATOM   168 C CB    . SER A 1 21  ? -1.214  -11.871 -1.974  1.00 32.11 ? 21  SER A CB    1 
ATOM   169 O OG    . SER A 1 21  ? -2.321  -10.985 -1.957  1.00 43.21 ? 21  SER A OG    1 
ATOM   170 N N     . SER A 1 22  ? 2.014   -11.856 -2.542  1.00 25.18 ? 22  SER A N     1 
ATOM   171 C CA    . SER A 1 22  ? 3.231   -12.622 -2.782  1.00 28.24 ? 22  SER A CA    1 
ATOM   172 C C     . SER A 1 22  ? 4.112   -12.646 -1.529  1.00 29.29 ? 22  SER A C     1 
ATOM   173 O O     . SER A 1 22  ? 4.458   -13.714 -1.031  1.00 34.57 ? 22  SER A O     1 
ATOM   174 C CB    . SER A 1 22  ? 4.053   -12.003 -3.922  1.00 25.89 ? 22  SER A CB    1 
ATOM   175 O OG    . SER A 1 22  ? 3.285   -11.865 -5.092  1.00 31.50 ? 22  SER A OG    1 
ATOM   176 N N     . ILE A 1 23  ? 4.438   -11.466 -1.003  1.00 30.41 ? 23  ILE A N     1 
ATOM   177 C CA    . ILE A 1 23  ? 5.300   -11.360 0.176   1.00 29.86 ? 23  ILE A CA    1 
ATOM   178 C C     . ILE A 1 23  ? 4.533   -11.475 1.493   1.00 30.78 ? 23  ILE A C     1 
ATOM   179 O O     . ILE A 1 23  ? 4.963   -10.980 2.554   1.00 31.17 ? 23  ILE A O     1 
ATOM   180 C CB    . ILE A 1 23  ? 6.148   -10.070 0.140   1.00 29.26 ? 23  ILE A CB    1 
ATOM   181 C CG1   . ILE A 1 23  ? 5.255   -8.830  -0.014  1.00 28.94 ? 23  ILE A CG1   1 
ATOM   182 C CG2   . ILE A 1 23  ? 7.158   -10.154 -0.987  1.00 31.27 ? 23  ILE A CG2   1 
ATOM   183 C CD1   . ILE A 1 23  ? 6.017   -7.533  0.127   1.00 29.36 ? 23  ILE A CD1   1 
ATOM   184 N N     . GLY A 1 24  ? 3.364   -12.091 1.399   1.00 28.61 ? 24  GLY A N     1 
ATOM   185 C CA    . GLY A 1 24  ? 2.545   -12.319 2.569   1.00 29.80 ? 24  GLY A CA    1 
ATOM   186 C C     . GLY A 1 24  ? 1.819   -11.146 3.183   1.00 30.82 ? 24  GLY A C     1 
ATOM   187 O O     . GLY A 1 24  ? 1.639   -11.115 4.407   1.00 34.23 ? 24  GLY A O     1 
ATOM   188 N N     . ILE A 1 25  ? 1.409   -10.183 2.360   1.00 30.65 ? 25  ILE A N     1 
ATOM   189 C CA    . ILE A 1 25  ? 0.659   -9.018  2.855   1.00 30.66 ? 25  ILE A CA    1 
ATOM   190 C C     . ILE A 1 25  ? -0.775  -9.027  2.308   1.00 29.69 ? 25  ILE A C     1 
ATOM   191 O O     . ILE A 1 25  ? -1.004  -8.817  1.122   1.00 24.12 ? 25  ILE A O     1 
ATOM   192 C CB    . ILE A 1 25  ? 1.378   -7.667  2.522   1.00 30.63 ? 25  ILE A CB    1 
ATOM   193 C CG1   . ILE A 1 25  ? 2.664   -7.529  3.345   1.00 30.32 ? 25  ILE A CG1   1 
ATOM   194 C CG2   . ILE A 1 25  ? 0.473   -6.470  2.824   1.00 26.53 ? 25  ILE A CG2   1 
ATOM   195 C CD1   . ILE A 1 25  ? 3.549   -6.441  2.859   1.00 27.69 ? 25  ILE A CD1   1 
ATOM   196 N N     . GLN A 1 26  ? -1.719  -9.374  3.174   1.00 32.54 ? 26  GLN A N     1 
ATOM   197 C CA    . GLN A 1 26  ? -3.132  -9.420  2.836   1.00 34.67 ? 26  GLN A CA    1 
ATOM   198 C C     . GLN A 1 26  ? -3.931  -8.270  3.448   1.00 32.69 ? 26  GLN A C     1 
ATOM   199 O O     . GLN A 1 26  ? -4.974  -7.904  2.912   1.00 33.46 ? 26  GLN A O     1 
ATOM   200 C CB    . GLN A 1 26  ? -3.735  -10.754 3.264   1.00 37.09 ? 26  GLN A CB    1 
ATOM   201 C CG    . GLN A 1 26  ? -3.620  -11.853 2.209   1.00 43.96 ? 26  GLN A CG    1 
ATOM   202 C CD    . GLN A 1 26  ? -4.966  -12.219 1.580   1.00 49.79 ? 26  GLN A CD    1 
ATOM   203 O OE1   . GLN A 1 26  ? -5.885  -12.682 2.267   1.00 50.56 ? 26  GLN A OE1   1 
ATOM   204 N NE2   . GLN A 1 26  ? -5.080  -12.024 0.265   1.00 50.08 ? 26  GLN A NE2   1 
ATOM   205 N N     . GLY A 1 27  ? -3.455  -7.710  4.560   1.00 26.30 ? 27  GLY A N     1 
ATOM   206 C CA    . GLY A 1 27  ? -4.150  -6.605  5.193   1.00 24.71 ? 27  GLY A CA    1 
ATOM   207 C C     . GLY A 1 27  ? -3.945  -5.288  4.466   1.00 26.30 ? 27  GLY A C     1 
ATOM   208 O O     . GLY A 1 27  ? -2.820  -4.822  4.302   1.00 28.18 ? 27  GLY A O     1 
ATOM   209 N N     . LEU A 1 28  ? -5.030  -4.689  4.005   1.00 26.34 ? 28  LEU A N     1 
ATOM   210 C CA    . LEU A 1 28  ? -4.936  -3.419  3.311   1.00 24.91 ? 28  LEU A CA    1 
ATOM   211 C C     . LEU A 1 28  ? -6.278  -2.681  3.161   1.00 24.27 ? 28  LEU A C     1 
ATOM   212 O O     . LEU A 1 28  ? -7.358  -3.265  3.286   1.00 19.34 ? 28  LEU A O     1 
ATOM   213 C CB    . LEU A 1 28  ? -4.209  -3.582  1.969   1.00 29.15 ? 28  LEU A CB    1 
ATOM   214 C CG    . LEU A 1 28  ? -4.748  -4.491  0.871   1.00 30.96 ? 28  LEU A CG    1 
ATOM   215 C CD1   . LEU A 1 28  ? -6.031  -3.928  0.281   1.00 28.90 ? 28  LEU A CD1   1 
ATOM   216 C CD2   . LEU A 1 28  ? -3.688  -4.591  -0.199  1.00 28.38 ? 28  LEU A CD2   1 
ATOM   217 N N     . THR A 1 29  ? -6.188  -1.389  2.881   1.00 20.28 ? 29  THR A N     1 
ATOM   218 C CA    . THR A 1 29  ? -7.355  -0.542  2.757   1.00 18.86 ? 29  THR A CA    1 
ATOM   219 C C     . THR A 1 29  ? -7.307  0.156   1.415   1.00 18.15 ? 29  THR A C     1 
ATOM   220 O O     . THR A 1 29  ? -6.249  0.595   0.977   1.00 17.48 ? 29  THR A O     1 
ATOM   221 C CB    . THR A 1 29  ? -7.355  0.510   3.891   1.00 19.93 ? 29  THR A CB    1 
ATOM   222 O OG1   . THR A 1 29  ? -7.309  -0.159  5.174   1.00 15.56 ? 29  THR A OG1   1 
ATOM   223 C CG2   . THR A 1 29  ? -8.579  1.443   3.771   1.00 12.20 ? 29  THR A CG2   1 
ATOM   224 N N     . VAL A 1 30  ? -8.454  0.225   0.760   1.00 17.58 ? 30  VAL A N     1 
ATOM   225 C CA    . VAL A 1 30  ? -8.570  0.854   -0.544  1.00 14.38 ? 30  VAL A CA    1 
ATOM   226 C C     . VAL A 1 30  ? -9.651  1.937   -0.534  1.00 12.35 ? 30  VAL A C     1 
ATOM   227 O O     . VAL A 1 30  ? -10.764 1.711   -0.053  1.00 10.89 ? 30  VAL A O     1 
ATOM   228 C CB    . VAL A 1 30  ? -8.915  -0.199  -1.615  1.00 12.30 ? 30  VAL A CB    1 
ATOM   229 C CG1   . VAL A 1 30  ? -9.207  0.459   -2.947  1.00 14.90 ? 30  VAL A CG1   1 
ATOM   230 C CG2   . VAL A 1 30  ? -7.795  -1.188  -1.760  1.00 15.40 ? 30  VAL A CG2   1 
ATOM   231 N N     . THR A 1 31  ? -9.293  3.121   -1.018  1.00 13.01 ? 31  THR A N     1 
ATOM   232 C CA    . THR A 1 31  ? -10.227 4.238   -1.109  1.00 13.93 ? 31  THR A CA    1 
ATOM   233 C C     . THR A 1 31  ? -10.359 4.659   -2.587  1.00 14.70 ? 31  THR A C     1 
ATOM   234 O O     . THR A 1 31  ? -9.356  4.670   -3.338  1.00 11.35 ? 31  THR A O     1 
ATOM   235 C CB    . THR A 1 31  ? -9.759  5.462   -0.267  1.00 12.15 ? 31  THR A CB    1 
ATOM   236 O OG1   . THR A 1 31  ? -9.381  5.027   1.038   1.00 12.45 ? 31  THR A OG1   1 
ATOM   237 C CG2   . THR A 1 31  ? -10.900 6.503   -0.123  1.00 9.32  ? 31  THR A CG2   1 
ATOM   238 N N     . GLU A 1 32  ? -11.610 4.873   -3.025  1.00 12.44 ? 32  GLU A N     1 
ATOM   239 C CA    . GLU A 1 32  ? -11.889 5.340   -4.378  1.00 12.86 ? 32  GLU A CA    1 
ATOM   240 C C     . GLU A 1 32  ? -11.662 6.844   -4.271  1.00 12.71 ? 32  GLU A C     1 
ATOM   241 O O     . GLU A 1 32  ? -12.279 7.514   -3.444  1.00 12.82 ? 32  GLU A O     1 
ATOM   242 C CB    . GLU A 1 32  ? -13.342 5.066   -4.773  1.00 15.43 ? 32  GLU A CB    1 
ATOM   243 C CG    . GLU A 1 32  ? -13.670 3.610   -5.028  1.00 22.21 ? 32  GLU A CG    1 
ATOM   244 C CD    . GLU A 1 32  ? -15.153 3.394   -5.382  1.00 32.27 ? 32  GLU A CD    1 
ATOM   245 O OE1   . GLU A 1 32  ? -15.503 3.480   -6.580  1.00 36.84 ? 32  GLU A OE1   1 
ATOM   246 O OE2   . GLU A 1 32  ? -15.973 3.138   -4.466  1.00 35.57 ? 32  GLU A OE2   1 
ATOM   247 N N     . VAL A 1 33  ? -10.735 7.369   -5.059  1.00 13.39 ? 33  VAL A N     1 
ATOM   248 C CA    . VAL A 1 33  ? -10.431 8.790   -4.990  1.00 14.44 ? 33  VAL A CA    1 
ATOM   249 C C     . VAL A 1 33  ? -10.306 9.382   -6.392  1.00 17.49 ? 33  VAL A C     1 
ATOM   250 O O     . VAL A 1 33  ? -10.496 8.687   -7.386  1.00 16.48 ? 33  VAL A O     1 
ATOM   251 C CB    . VAL A 1 33  ? -9.111  9.061   -4.164  1.00 17.52 ? 33  VAL A CB    1 
ATOM   252 C CG1   . VAL A 1 33  ? -9.175  8.388   -2.797  1.00 12.73 ? 33  VAL A CG1   1 
ATOM   253 C CG2   . VAL A 1 33  ? -7.870  8.571   -4.919  1.00 16.99 ? 33  VAL A CG2   1 
ATOM   254 N N     . LYS A 1 34  ? -10.028 10.677  -6.475  1.00 20.35 ? 34  LYS A N     1 
ATOM   255 C CA    . LYS A 1 34  ? -9.865  11.347  -7.763  1.00 24.49 ? 34  LYS A CA    1 
ATOM   256 C C     . LYS A 1 34  ? -8.529  12.075  -7.737  1.00 23.04 ? 34  LYS A C     1 
ATOM   257 O O     . LYS A 1 34  ? -8.231  12.803  -6.791  1.00 24.64 ? 34  LYS A O     1 
ATOM   258 C CB    . LYS A 1 34  ? -11.032 12.345  -8.021  1.00 21.66 ? 34  LYS A CB    1 
ATOM   259 N N     . GLY A 1 35  ? -7.720  11.866  -8.758  1.00 24.33 ? 35  GLY A N     1 
ATOM   260 C CA    . GLY A 1 35  ? -6.420  12.506  -8.798  1.00 27.81 ? 35  GLY A CA    1 
ATOM   261 C C     . GLY A 1 35  ? -6.356  13.481  -9.939  1.00 28.81 ? 35  GLY A C     1 
ATOM   262 O O     . GLY A 1 35  ? -6.750  13.167  -11.054 1.00 24.66 ? 35  GLY A O     1 
ATOM   263 N N     . PHE A 1 36  ? -5.863  14.677  -9.659  1.00 35.38 ? 36  PHE A N     1 
ATOM   264 C CA    . PHE A 1 36  ? -5.774  15.715  -10.668 1.00 39.23 ? 36  PHE A CA    1 
ATOM   265 C C     . PHE A 1 36  ? -4.397  15.723  -11.302 1.00 42.95 ? 36  PHE A C     1 
ATOM   266 O O     . PHE A 1 36  ? -3.626  16.670  -11.106 1.00 45.18 ? 36  PHE A O     1 
ATOM   267 C CB    . PHE A 1 36  ? -6.124  17.084  -10.061 1.00 38.17 ? 36  PHE A CB    1 
ATOM   268 C CG    . PHE A 1 36  ? -7.548  17.175  -9.555  1.00 39.88 ? 36  PHE A CG    1 
ATOM   269 C CD1   . PHE A 1 36  ? -8.035  16.269  -8.613  1.00 40.88 ? 36  PHE A CD1   1 
ATOM   270 C CD2   . PHE A 1 36  ? -8.409  18.145  -10.040 1.00 41.11 ? 36  PHE A CD2   1 
ATOM   271 C CE1   . PHE A 1 36  ? -9.349  16.333  -8.168  1.00 38.13 ? 36  PHE A CE1   1 
ATOM   272 C CE2   . PHE A 1 36  ? -9.741  18.218  -9.597  1.00 37.07 ? 36  PHE A CE2   1 
ATOM   273 C CZ    . PHE A 1 36  ? -10.205 17.314  -8.663  1.00 38.24 ? 36  PHE A CZ    1 
ATOM   274 N N     . GLY A 1 37  ? -4.076  14.680  -12.075 1.00 44.73 ? 37  GLY A N     1 
ATOM   275 C CA    . GLY A 1 37  ? -2.762  14.645  -12.692 1.00 48.53 ? 37  GLY A CA    1 
ATOM   276 C C     . GLY A 1 37  ? -2.512  13.719  -13.860 1.00 50.47 ? 37  GLY A C     1 
ATOM   277 O O     . GLY A 1 37  ? -2.005  12.618  -13.678 1.00 56.21 ? 37  GLY A O     1 
ATOM   278 N N     . PHE A 1 55  ? -9.218  16.056  -13.444 1.00 42.29 ? 55  PHE A N     1 
ATOM   279 C CA    . PHE A 1 55  ? -9.504  15.094  -12.364 1.00 43.12 ? 55  PHE A CA    1 
ATOM   280 C C     . PHE A 1 55  ? -9.978  13.728  -12.877 1.00 43.54 ? 55  PHE A C     1 
ATOM   281 O O     . PHE A 1 55  ? -10.966 13.666  -13.634 1.00 47.11 ? 55  PHE A O     1 
ATOM   282 C CB    . PHE A 1 55  ? -10.537 15.687  -11.439 1.00 44.34 ? 55  PHE A CB    1 
ATOM   283 N N     . LEU A 1 56  ? -9.343  12.643  -12.419 1.00 38.93 ? 56  LEU A N     1 
ATOM   284 C CA    . LEU A 1 56  ? -9.702  11.291  -12.865 1.00 32.22 ? 56  LEU A CA    1 
ATOM   285 C C     . LEU A 1 56  ? -9.791  10.271  -11.729 1.00 28.58 ? 56  LEU A C     1 
ATOM   286 O O     . LEU A 1 56  ? -9.075  10.386  -10.727 1.00 20.95 ? 56  LEU A O     1 
ATOM   287 C CB    . LEU A 1 56  ? -8.670  10.765  -13.865 1.00 33.37 ? 56  LEU A CB    1 
ATOM   288 C CG    . LEU A 1 56  ? -8.138  11.614  -15.032 1.00 38.91 ? 56  LEU A CG    1 
ATOM   289 C CD1   . LEU A 1 56  ? -9.316  12.228  -15.780 1.00 36.12 ? 56  LEU A CD1   1 
ATOM   290 C CD2   . LEU A 1 56  ? -7.136  12.704  -14.545 1.00 37.89 ? 56  LEU A CD2   1 
ATOM   291 N N     . PRO A 1 57  ? -10.681 9.266   -11.872 1.00 27.27 ? 57  PRO A N     1 
ATOM   292 C CA    . PRO A 1 57  ? -10.858 8.218   -10.867 1.00 23.63 ? 57  PRO A CA    1 
ATOM   293 C C     . PRO A 1 57  ? -9.522  7.529   -10.611 1.00 23.14 ? 57  PRO A C     1 
ATOM   294 O O     . PRO A 1 57  ? -8.787  7.197   -11.561 1.00 14.59 ? 57  PRO A O     1 
ATOM   295 C CB    . PRO A 1 57  ? -11.827 7.258   -11.552 1.00 26.93 ? 57  PRO A CB    1 
ATOM   296 C CG    . PRO A 1 57  ? -12.699 8.193   -12.313 1.00 25.14 ? 57  PRO A CG    1 
ATOM   297 C CD    . PRO A 1 57  ? -11.685 9.128   -12.946 1.00 25.18 ? 57  PRO A CD    1 
ATOM   298 N N     . LYS A 1 58  ? -9.251  7.306   -9.325  1.00 20.09 ? 58  LYS A N     1 
ATOM   299 C CA    . LYS A 1 58  ? -8.037  6.663   -8.847  1.00 18.70 ? 58  LYS A CA    1 
ATOM   300 C C     . LYS A 1 58  ? -8.380  5.710   -7.706  1.00 16.58 ? 58  LYS A C     1 
ATOM   301 O O     . LYS A 1 58  ? -9.465  5.775   -7.129  1.00 15.26 ? 58  LYS A O     1 
ATOM   302 C CB    . LYS A 1 58  ? -7.045  7.717   -8.323  1.00 18.46 ? 58  LYS A CB    1 
ATOM   303 C CG    . LYS A 1 58  ? -5.748  7.790   -9.051  1.00 20.14 ? 58  LYS A CG    1 
ATOM   304 C CD    . LYS A 1 58  ? -5.953  8.397   -10.402 1.00 18.57 ? 58  LYS A CD    1 
ATOM   305 C CE    . LYS A 1 58  ? -4.861  7.972   -11.353 1.00 23.02 ? 58  LYS A CE    1 
ATOM   306 N NZ    . LYS A 1 58  ? -5.153  8.437   -12.746 1.00 25.75 ? 58  LYS A NZ    1 
ATOM   307 N N     . VAL A 1 59  ? -7.422  4.850   -7.384  1.00 14.09 ? 59  VAL A N     1 
ATOM   308 C CA    . VAL A 1 59  ? -7.514  3.896   -6.291  1.00 16.13 ? 59  VAL A CA    1 
ATOM   309 C C     . VAL A 1 59  ? -6.338  4.187   -5.322  1.00 16.28 ? 59  VAL A C     1 
ATOM   310 O O     . VAL A 1 59  ? -5.168  4.261   -5.741  1.00 13.82 ? 59  VAL A O     1 
ATOM   311 C CB    . VAL A 1 59  ? -7.431  2.445   -6.824  1.00 15.73 ? 59  VAL A CB    1 
ATOM   312 C CG1   . VAL A 1 59  ? -7.071  1.498   -5.737  1.00 19.18 ? 59  VAL A CG1   1 
ATOM   313 C CG2   . VAL A 1 59  ? -8.763  2.037   -7.433  1.00 23.15 ? 59  VAL A CG2   1 
ATOM   314 N N     . LYS A 1 60  ? -6.665  4.461   -4.061  1.00 14.34 ? 60  LYS A N     1 
ATOM   315 C CA    . LYS A 1 60  ? -5.663  4.741   -3.039  1.00 15.52 ? 60  LYS A CA    1 
ATOM   316 C C     . LYS A 1 60  ? -5.572  3.500   -2.165  1.00 16.90 ? 60  LYS A C     1 
ATOM   317 O O     . LYS A 1 60  ? -6.580  3.035   -1.633  1.00 17.09 ? 60  LYS A O     1 
ATOM   318 C CB    . LYS A 1 60  ? -6.058  5.966   -2.200  1.00 15.56 ? 60  LYS A CB    1 
ATOM   319 C CG    . LYS A 1 60  ? -5.172  6.176   -0.948  1.00 21.10 ? 60  LYS A CG    1 
ATOM   320 C CD    . LYS A 1 60  ? -5.509  7.451   -0.143  1.00 21.82 ? 60  LYS A CD    1 
ATOM   321 C CE    . LYS A 1 60  ? -4.512  8.560   -0.456  1.00 29.85 ? 60  LYS A CE    1 
ATOM   322 N NZ    . LYS A 1 60  ? -4.813  9.887   0.172   1.00 33.17 ? 60  LYS A NZ    1 
ATOM   323 N N     . ILE A 1 61  ? -4.372  2.943   -2.045  1.00 16.70 ? 61  ILE A N     1 
ATOM   324 C CA    . ILE A 1 61  ? -4.154  1.731   -1.250  1.00 17.14 ? 61  ILE A CA    1 
ATOM   325 C C     . ILE A 1 61  ? -3.197  2.017   -0.102  1.00 15.96 ? 61  ILE A C     1 
ATOM   326 O O     . ILE A 1 61  ? -2.034  2.382   -0.334  1.00 15.95 ? 61  ILE A O     1 
ATOM   327 C CB    . ILE A 1 61  ? -3.555  0.566   -2.116  1.00 17.54 ? 61  ILE A CB    1 
ATOM   328 C CG1   . ILE A 1 61  ? -4.454  0.264   -3.343  1.00 14.05 ? 61  ILE A CG1   1 
ATOM   329 C CG2   . ILE A 1 61  ? -3.310  -0.678  -1.227  1.00 17.53 ? 61  ILE A CG2   1 
ATOM   330 C CD1   . ILE A 1 61  ? -3.725  -0.365  -4.521  1.00 10.28 ? 61  ILE A CD1   1 
ATOM   331 N N     . ASP A 1 62  ? -3.687  1.858   1.124   1.00 13.51 ? 62  ASP A N     1 
ATOM   332 C CA    . ASP A 1 62  ? -2.883  2.088   2.319   1.00 16.52 ? 62  ASP A CA    1 
ATOM   333 C C     . ASP A 1 62  ? -2.450  0.777   2.975   1.00 17.88 ? 62  ASP A C     1 
ATOM   334 O O     . ASP A 1 62  ? -3.250  -0.158  3.099   1.00 16.70 ? 62  ASP A O     1 
ATOM   335 C CB    . ASP A 1 62  ? -3.663  2.898   3.362   1.00 18.39 ? 62  ASP A CB    1 
ATOM   336 C CG    . ASP A 1 62  ? -4.133  4.242   2.845   1.00 20.67 ? 62  ASP A CG    1 
ATOM   337 O OD1   . ASP A 1 62  ? -3.360  4.964   2.191   1.00 20.79 ? 62  ASP A OD1   1 
ATOM   338 O OD2   . ASP A 1 62  ? -5.290  4.581   3.114   1.00 21.36 ? 62  ASP A OD2   1 
ATOM   339 N N     . VAL A 1 63  ? -1.193  0.701   3.400   1.00 16.67 ? 63  VAL A N     1 
ATOM   340 C CA    . VAL A 1 63  ? -0.715  -0.500  4.077   1.00 17.62 ? 63  VAL A CA    1 
ATOM   341 C C     . VAL A 1 63  ? 0.367   -0.221  5.119   1.00 15.43 ? 63  VAL A C     1 
ATOM   342 O O     . VAL A 1 63  ? 1.400   0.374   4.824   1.00 15.30 ? 63  VAL A O     1 
ATOM   343 C CB    . VAL A 1 63  ? -0.292  -1.629  3.074   1.00 18.82 ? 63  VAL A CB    1 
ATOM   344 C CG1   . VAL A 1 63  ? 0.821   -1.167  2.174   1.00 20.78 ? 63  VAL A CG1   1 
ATOM   345 C CG2   . VAL A 1 63  ? 0.064   -2.936  3.834   1.00 17.26 ? 63  VAL A CG2   1 
ATOM   346 N N     . ALA A 1 64  ? 0.006   -0.532  6.362   1.00 15.28 ? 64  ALA A N     1 
ATOM   347 C CA    . ALA A 1 64  ? 0.842   -0.407  7.550   1.00 14.10 ? 64  ALA A CA    1 
ATOM   348 C C     . ALA A 1 64  ? 1.697   -1.657  7.583   1.00 14.62 ? 64  ALA A C     1 
ATOM   349 O O     . ALA A 1 64  ? 1.173   -2.773  7.492   1.00 16.43 ? 64  ALA A O     1 
ATOM   350 C CB    . ALA A 1 64  ? -0.030  -0.366  8.792   1.00 10.67 ? 64  ALA A CB    1 
ATOM   351 N N     . ILE A 1 65  ? 2.991   -1.485  7.822   1.00 15.19 ? 65  ILE A N     1 
ATOM   352 C CA    . ILE A 1 65  ? 3.940   -2.597  7.834   1.00 14.20 ? 65  ILE A CA    1 
ATOM   353 C C     . ILE A 1 65  ? 5.028   -2.367  8.889   1.00 16.33 ? 65  ILE A C     1 
ATOM   354 O O     . ILE A 1 65  ? 5.155   -1.287  9.471   1.00 14.54 ? 65  ILE A O     1 
ATOM   355 C CB    . ILE A 1 65  ? 4.705   -2.654  6.504   1.00 15.30 ? 65  ILE A CB    1 
ATOM   356 C CG1   . ILE A 1 65  ? 5.592   -1.383  6.381   1.00 18.35 ? 65  ILE A CG1   1 
ATOM   357 C CG2   . ILE A 1 65  ? 3.725   -2.778  5.332   1.00 18.23 ? 65  ILE A CG2   1 
ATOM   358 C CD1   . ILE A 1 65  ? 6.482   -1.269  5.136   1.00 12.66 ? 65  ILE A CD1   1 
ATOM   359 N N     . ALA A 1 66  ? 5.811   -3.401  9.132   1.00 18.42 ? 66  ALA A N     1 
ATOM   360 C CA    . ALA A 1 66  ? 6.934   -3.313  10.044  1.00 23.06 ? 66  ALA A CA    1 
ATOM   361 C C     . ALA A 1 66  ? 8.044   -2.586  9.269   1.00 20.85 ? 66  ALA A C     1 
ATOM   362 O O     . ALA A 1 66  ? 7.994   -2.500  8.041   1.00 20.52 ? 66  ALA A O     1 
ATOM   363 C CB    . ALA A 1 66  ? 7.379   -4.725  10.453  1.00 27.10 ? 66  ALA A CB    1 
ATOM   364 N N     . ASP A 1 67  ? 9.007   -2.012  9.983   1.00 21.90 ? 67  ASP A N     1 
ATOM   365 C CA    . ASP A 1 67  ? 10.122  -1.294  9.380   1.00 22.06 ? 67  ASP A CA    1 
ATOM   366 C C     . ASP A 1 67  ? 10.935  -2.191  8.447   1.00 22.13 ? 67  ASP A C     1 
ATOM   367 O O     . ASP A 1 67  ? 11.311  -1.804  7.346   1.00 23.70 ? 67  ASP A O     1 
ATOM   368 C CB    . ASP A 1 67  ? 11.035  -0.749  10.481  1.00 26.28 ? 67  ASP A CB    1 
ATOM   369 C CG    . ASP A 1 67  ? 10.501  0.527   11.121  1.00 31.97 ? 67  ASP A CG    1 
ATOM   370 O OD1   . ASP A 1 67  ? 9.608   1.167   10.531  1.00 31.23 ? 67  ASP A OD1   1 
ATOM   371 O OD2   . ASP A 1 67  ? 10.996  0.904   12.210  1.00 33.95 ? 67  ASP A OD2   1 
ATOM   372 N N     . ASP A 1 68  ? 11.165  -3.413  8.889   1.00 22.11 ? 68  ASP A N     1 
ATOM   373 C CA    . ASP A 1 68  ? 11.933  -4.405  8.148   1.00 25.81 ? 68  ASP A CA    1 
ATOM   374 C C     . ASP A 1 68  ? 11.381  -4.771  6.775   1.00 26.09 ? 68  ASP A C     1 
ATOM   375 O O     . ASP A 1 68  ? 12.042  -5.486  6.025   1.00 26.75 ? 68  ASP A O     1 
ATOM   376 C CB    . ASP A 1 68  ? 12.001  -5.679  8.985   1.00 33.38 ? 68  ASP A CB    1 
ATOM   377 C CG    . ASP A 1 68  ? 10.667  -5.994  9.633   1.00 41.47 ? 68  ASP A CG    1 
ATOM   378 O OD1   . ASP A 1 68  ? 10.500  -5.699  10.845  1.00 48.84 ? 68  ASP A OD1   1 
ATOM   379 O OD2   . ASP A 1 68  ? 9.759   -6.461  8.911   1.00 43.04 ? 68  ASP A OD2   1 
ATOM   380 N N     . GLN A 1 69  ? 10.149  -4.351  6.487   1.00 24.35 ? 69  GLN A N     1 
ATOM   381 C CA    . GLN A 1 69  ? 9.500   -4.662  5.221   1.00 20.87 ? 69  GLN A CA    1 
ATOM   382 C C     . GLN A 1 69  ? 9.433   -3.519  4.242   1.00 16.32 ? 69  GLN A C     1 
ATOM   383 O O     . GLN A 1 69  ? 8.985   -3.710  3.126   1.00 21.21 ? 69  GLN A O     1 
ATOM   384 C CB    . GLN A 1 69  ? 8.062   -5.111  5.466   1.00 24.68 ? 69  GLN A CB    1 
ATOM   385 C CG    . GLN A 1 69  ? 7.861   -6.143  6.545   1.00 25.09 ? 69  GLN A CG    1 
ATOM   386 C CD    . GLN A 1 69  ? 6.393   -6.345  6.852   1.00 28.62 ? 69  GLN A CD    1 
ATOM   387 O OE1   . GLN A 1 69  ? 5.825   -5.643  7.677   1.00 30.85 ? 69  GLN A OE1   1 
ATOM   388 N NE2   . GLN A 1 69  ? 5.765   -7.290  6.169   1.00 28.34 ? 69  GLN A NE2   1 
ATOM   389 N N     . LEU A 1 70  ? 9.880   -2.336  4.625   1.00 19.58 ? 70  LEU A N     1 
ATOM   390 C CA    . LEU A 1 70  ? 9.790   -1.165  3.728   1.00 21.46 ? 70  LEU A CA    1 
ATOM   391 C C     . LEU A 1 70  ? 10.312  -1.303  2.291   1.00 19.76 ? 70  LEU A C     1 
ATOM   392 O O     . LEU A 1 70  ? 9.588   -1.061  1.334   1.00 18.30 ? 70  LEU A O     1 
ATOM   393 C CB    . LEU A 1 70  ? 10.408  0.073   4.387   1.00 20.92 ? 70  LEU A CB    1 
ATOM   394 C CG    . LEU A 1 70  ? 10.037  1.446   3.823   1.00 23.12 ? 70  LEU A CG    1 
ATOM   395 C CD1   . LEU A 1 70  ? 10.959  1.827   2.712   1.00 32.50 ? 70  LEU A CD1   1 
ATOM   396 C CD2   . LEU A 1 70  ? 8.578   1.480   3.354   1.00 22.20 ? 70  LEU A CD2   1 
ATOM   397 N N     . ASP A 1 71  ? 11.580  -1.648  2.135   1.00 18.43 ? 71  ASP A N     1 
ATOM   398 C CA    . ASP A 1 71  ? 12.150  -1.774  0.799   1.00 19.87 ? 71  ASP A CA    1 
ATOM   399 C C     . ASP A 1 71  ? 11.501  -2.909  0.005   1.00 20.87 ? 71  ASP A C     1 
ATOM   400 O O     . ASP A 1 71  ? 11.354  -2.819  -1.218  1.00 20.62 ? 71  ASP A O     1 
ATOM   401 C CB    . ASP A 1 71  ? 13.668  -2.021  0.878   1.00 23.88 ? 71  ASP A CB    1 
ATOM   402 C CG    . ASP A 1 71  ? 14.449  -0.822  1.404   1.00 14.95 ? 71  ASP A CG    1 
ATOM   403 O OD1   . ASP A 1 71  ? 14.521  0.210   0.717   1.00 20.07 ? 71  ASP A OD1   1 
ATOM   404 O OD2   . ASP A 1 71  ? 15.008  -0.942  2.507   1.00 24.70 ? 71  ASP A OD2   1 
ATOM   405 N N     . GLU A 1 72  ? 11.101  -3.951  0.726   1.00 21.07 ? 72  GLU A N     1 
ATOM   406 C CA    . GLU A 1 72  ? 10.472  -5.145  0.172   1.00 22.30 ? 72  GLU A CA    1 
ATOM   407 C C     . GLU A 1 72  ? 9.108   -4.768  -0.418  1.00 23.14 ? 72  GLU A C     1 
ATOM   408 O O     . GLU A 1 72  ? 8.719   -5.237  -1.498  1.00 25.28 ? 72  GLU A O     1 
ATOM   409 C CB    . GLU A 1 72  ? 10.351  -6.175  1.308   1.00 26.43 ? 72  GLU A CB    1 
ATOM   410 C CG    . GLU A 1 72  ? 9.551   -7.451  1.078   1.00 32.90 ? 72  GLU A CG    1 
ATOM   411 C CD    . GLU A 1 72  ? 9.328   -8.206  2.392   1.00 34.15 ? 72  GLU A CD    1 
ATOM   412 O OE1   . GLU A 1 72  ? 10.297  -8.807  2.890   1.00 43.28 ? 72  GLU A OE1   1 
ATOM   413 O OE2   . GLU A 1 72  ? 8.208   -8.160  2.956   1.00 34.47 ? 72  GLU A OE2   1 
ATOM   414 N N     . VAL A 1 73  ? 8.407   -3.885  0.272   1.00 19.19 ? 73  VAL A N     1 
ATOM   415 C CA    . VAL A 1 73  ? 7.089   -3.423  -0.169  1.00 17.88 ? 73  VAL A CA    1 
ATOM   416 C C     . VAL A 1 73  ? 7.135   -2.424  -1.351  1.00 17.27 ? 73  VAL A C     1 
ATOM   417 O O     . VAL A 1 73  ? 6.441   -2.611  -2.350  1.00 17.65 ? 73  VAL A O     1 
ATOM   418 C CB    . VAL A 1 73  ? 6.287   -2.833  1.041   1.00 18.98 ? 73  VAL A CB    1 
ATOM   419 C CG1   . VAL A 1 73  ? 5.231   -1.817  0.579   1.00 18.03 ? 73  VAL A CG1   1 
ATOM   420 C CG2   . VAL A 1 73  ? 5.634   -3.967  1.831   1.00 13.28 ? 73  VAL A CG2   1 
ATOM   421 N N     . ILE A 1 74  ? 7.958   -1.382  -1.285  1.00 16.84 ? 74  ILE A N     1 
ATOM   422 C CA    . ILE A 1 74  ? 7.966   -0.449  -2.401  1.00 14.89 ? 74  ILE A CA    1 
ATOM   423 C C     . ILE A 1 74  ? 8.516   -1.118  -3.650  1.00 17.55 ? 74  ILE A C     1 
ATOM   424 O O     . ILE A 1 74  ? 8.179   -0.710  -4.750  1.00 19.87 ? 74  ILE A O     1 
ATOM   425 C CB    . ILE A 1 74  ? 8.687   0.905   -2.087  1.00 18.72 ? 74  ILE A CB    1 
ATOM   426 C CG1   . ILE A 1 74  ? 9.997   1.037   -2.843  1.00 20.69 ? 74  ILE A CG1   1 
ATOM   427 C CG2   . ILE A 1 74  ? 8.912   1.100   -0.604  1.00 19.49 ? 74  ILE A CG2   1 
ATOM   428 C CD1   . ILE A 1 74  ? 9.874   1.804   -4.148  1.00 21.38 ? 74  ILE A CD1   1 
ATOM   429 N N     . ASP A 1 75  ? 9.317   -2.171  -3.476  1.00 15.16 ? 75  ASP A N     1 
ATOM   430 C CA    . ASP A 1 75  ? 9.907   -2.893  -4.604  1.00 18.66 ? 75  ASP A CA    1 
ATOM   431 C C     . ASP A 1 75  ? 8.831   -3.629  -5.374  1.00 17.87 ? 75  ASP A C     1 
ATOM   432 O O     . ASP A 1 75  ? 8.666   -3.421  -6.582  1.00 17.50 ? 75  ASP A O     1 
ATOM   433 C CB    . ASP A 1 75  ? 10.962  -3.906  -4.120  1.00 21.52 ? 75  ASP A CB    1 
ATOM   434 C CG    . ASP A 1 75  ? 11.459  -4.843  -5.246  1.00 27.77 ? 75  ASP A CG    1 
ATOM   435 O OD1   . ASP A 1 75  ? 11.972  -4.341  -6.280  1.00 27.23 ? 75  ASP A OD1   1 
ATOM   436 O OD2   . ASP A 1 75  ? 11.331  -6.089  -5.098  1.00 29.25 ? 75  ASP A OD2   1 
ATOM   437 N N     . ILE A 1 76  ? 8.092   -4.470  -4.647  1.00 17.88 ? 76  ILE A N     1 
ATOM   438 C CA    . ILE A 1 76  ? 7.029   -5.284  -5.227  1.00 20.14 ? 76  ILE A CA    1 
ATOM   439 C C     . ILE A 1 76  ? 5.897   -4.444  -5.818  1.00 19.46 ? 76  ILE A C     1 
ATOM   440 O O     . ILE A 1 76  ? 5.349   -4.784  -6.864  1.00 19.73 ? 76  ILE A O     1 
ATOM   441 C CB    . ILE A 1 76  ? 6.480   -6.304  -4.192  1.00 18.78 ? 76  ILE A CB    1 
ATOM   442 C CG1   . ILE A 1 76  ? 6.031   -7.572  -4.901  1.00 21.67 ? 76  ILE A CG1   1 
ATOM   443 C CG2   . ILE A 1 76  ? 5.296   -5.739  -3.421  1.00 16.01 ? 76  ILE A CG2   1 
ATOM   444 C CD1   . ILE A 1 76  ? 7.087   -8.164  -5.802  1.00 24.43 ? 76  ILE A CD1   1 
ATOM   445 N N     . VAL A 1 77  ? 5.554   -3.348  -5.151  1.00 19.97 ? 77  VAL A N     1 
ATOM   446 C CA    . VAL A 1 77  ? 4.484   -2.477  -5.620  1.00 22.08 ? 77  VAL A CA    1 
ATOM   447 C C     . VAL A 1 77  ? 4.882   -1.786  -6.917  1.00 22.77 ? 77  VAL A C     1 
ATOM   448 O O     . VAL A 1 77  ? 4.102   -1.754  -7.876  1.00 24.40 ? 77  VAL A O     1 
ATOM   449 C CB    . VAL A 1 77  ? 4.097   -1.411  -4.561  1.00 19.60 ? 77  VAL A CB    1 
ATOM   450 C CG1   . VAL A 1 77  ? 3.205   -0.353  -5.198  1.00 17.31 ? 77  VAL A CG1   1 
ATOM   451 C CG2   . VAL A 1 77  ? 3.360   -2.075  -3.387  1.00 17.31 ? 77  VAL A CG2   1 
ATOM   452 N N     . SER A 1 78  ? 6.099   -1.250  -6.943  1.00 22.48 ? 78  SER A N     1 
ATOM   453 C CA    . SER A 1 78  ? 6.603   -0.552  -8.120  1.00 25.04 ? 78  SER A CA    1 
ATOM   454 C C     . SER A 1 78  ? 6.558   -1.473  -9.349  1.00 27.55 ? 78  SER A C     1 
ATOM   455 O O     . SER A 1 78  ? 5.950   -1.138  -10.385 1.00 28.13 ? 78  SER A O     1 
ATOM   456 C CB    . SER A 1 78  ? 8.032   -0.044  -7.862  1.00 24.42 ? 78  SER A CB    1 
ATOM   457 O OG    . SER A 1 78  ? 8.076   0.921   -6.808  1.00 22.92 ? 78  SER A OG    1 
ATOM   458 N N     . LYS A 1 79  ? 7.142   -2.660  -9.209  1.00 25.13 ? 79  LYS A N     1 
ATOM   459 C CA    . LYS A 1 79  ? 7.158   -3.595  -10.312 1.00 23.55 ? 79  LYS A CA    1 
ATOM   460 C C     . LYS A 1 79  ? 5.762   -3.985  -10.747 1.00 22.43 ? 79  LYS A C     1 
ATOM   461 O O     . LYS A 1 79  ? 5.504   -4.124  -11.936 1.00 24.48 ? 79  LYS A O     1 
ATOM   462 C CB    . LYS A 1 79  ? 7.980   -4.833  -9.960  1.00 22.63 ? 79  LYS A CB    1 
ATOM   463 C CG    . LYS A 1 79  ? 9.455   -4.553  -9.786  1.00 29.58 ? 79  LYS A CG    1 
ATOM   464 C CD    . LYS A 1 79  ? 10.001  -3.594  -10.880 1.00 34.96 ? 79  LYS A CD    1 
ATOM   465 C CE    . LYS A 1 79  ? 9.894   -2.110  -10.486 1.00 33.87 ? 79  LYS A CE    1 
ATOM   466 N NZ    . LYS A 1 79  ? 9.906   -1.180  -11.655 1.00 34.07 ? 79  LYS A NZ    1 
ATOM   467 N N     . ALA A 1 80  ? 4.855   -4.103  -9.789  1.00 19.51 ? 80  ALA A N     1 
ATOM   468 C CA    . ALA A 1 80  ? 3.490   -4.494  -10.082 1.00 21.13 ? 80  ALA A CA    1 
ATOM   469 C C     . ALA A 1 80  ? 2.734   -3.432  -10.858 1.00 23.05 ? 80  ALA A C     1 
ATOM   470 O O     . ALA A 1 80  ? 1.859   -3.748  -11.668 1.00 21.17 ? 80  ALA A O     1 
ATOM   471 C CB    . ALA A 1 80  ? 2.763   -4.804  -8.803  1.00 23.10 ? 80  ALA A CB    1 
ATOM   472 N N     . ALA A 1 81  ? 3.064   -2.173  -10.593 1.00 25.16 ? 81  ALA A N     1 
ATOM   473 C CA    . ALA A 1 81  ? 2.400   -1.040  -11.240 1.00 28.53 ? 81  ALA A CA    1 
ATOM   474 C C     . ALA A 1 81  ? 3.074   -0.518  -12.521 1.00 28.80 ? 81  ALA A C     1 
ATOM   475 O O     . ALA A 1 81  ? 2.408   0.035   -13.406 1.00 27.10 ? 81  ALA A O     1 
ATOM   476 C CB    . ALA A 1 81  ? 2.237   0.103   -10.227 1.00 27.03 ? 81  ALA A CB    1 
ATOM   477 N N     . TYR A 1 82  ? 4.378   -0.731  -12.632 1.00 29.58 ? 82  TYR A N     1 
ATOM   478 C CA    . TYR A 1 82  ? 5.147   -0.253  -13.763 1.00 29.98 ? 82  TYR A CA    1 
ATOM   479 C C     . TYR A 1 82  ? 4.673   -0.633  -15.171 1.00 32.98 ? 82  TYR A C     1 
ATOM   480 O O     . TYR A 1 82  ? 4.153   -1.724  -15.413 1.00 33.69 ? 82  TYR A O     1 
ATOM   481 C CB    . TYR A 1 82  ? 6.627   -0.621  -13.584 1.00 29.85 ? 82  TYR A CB    1 
ATOM   482 C CG    . TYR A 1 82  ? 7.557   0.052   -14.586 1.00 32.30 ? 82  TYR A CG    1 
ATOM   483 C CD1   . TYR A 1 82  ? 8.207   1.241   -14.269 1.00 28.72 ? 82  TYR A CD1   1 
ATOM   484 C CD2   . TYR A 1 82  ? 7.743   -0.483  -15.869 1.00 30.26 ? 82  TYR A CD2   1 
ATOM   485 C CE1   . TYR A 1 82  ? 9.006   1.883   -15.198 1.00 31.14 ? 82  TYR A CE1   1 
ATOM   486 C CE2   . TYR A 1 82  ? 8.540   0.147   -16.804 1.00 31.07 ? 82  TYR A CE2   1 
ATOM   487 C CZ    . TYR A 1 82  ? 9.170   1.336   -16.471 1.00 32.30 ? 82  TYR A CZ    1 
ATOM   488 O OH    . TYR A 1 82  ? 9.926   2.003   -17.422 1.00 33.26 ? 82  TYR A OH    1 
ATOM   489 N N     . THR A 1 83  ? 4.823   0.335   -16.077 1.00 34.25 ? 83  THR A N     1 
ATOM   490 C CA    . THR A 1 83  ? 4.512   0.209   -17.498 1.00 34.86 ? 83  THR A CA    1 
ATOM   491 C C     . THR A 1 83  ? 5.503   1.118   -18.250 1.00 36.34 ? 83  THR A C     1 
ATOM   492 O O     . THR A 1 83  ? 5.769   0.919   -19.431 1.00 40.33 ? 83  THR A O     1 
ATOM   493 C CB    . THR A 1 83  ? 3.065   0.660   -17.872 1.00 30.72 ? 83  THR A CB    1 
ATOM   494 O OG1   . THR A 1 83  ? 2.969   2.087   -17.827 1.00 29.04 ? 83  THR A OG1   1 
ATOM   495 C CG2   . THR A 1 83  ? 2.028   0.028   -16.961 1.00 27.83 ? 83  THR A CG2   1 
ATOM   496 N N     . GLY A 1 84  ? 6.063   2.105   -17.562 1.00 36.52 ? 84  GLY A N     1 
ATOM   497 C CA    . GLY A 1 84  ? 6.992   3.011   -18.205 1.00 34.31 ? 84  GLY A CA    1 
ATOM   498 C C     . GLY A 1 84  ? 6.273   4.205   -18.792 1.00 36.12 ? 84  GLY A C     1 
ATOM   499 O O     . GLY A 1 84  ? 6.918   5.201   -19.126 1.00 39.40 ? 84  GLY A O     1 
ATOM   500 N N     . LYS A 1 85  ? 4.945   4.125   -18.900 1.00 35.95 ? 85  LYS A N     1 
ATOM   501 C CA    . LYS A 1 85  ? 4.130   5.216   -19.451 1.00 34.56 ? 85  LYS A CA    1 
ATOM   502 C C     . LYS A 1 85  ? 3.548   6.113   -18.358 1.00 34.39 ? 85  LYS A C     1 
ATOM   503 O O     . LYS A 1 85  ? 3.184   5.638   -17.275 1.00 32.72 ? 85  LYS A O     1 
ATOM   504 C CB    . LYS A 1 85  ? 3.009   4.667   -20.344 1.00 31.78 ? 85  LYS A CB    1 
ATOM   505 N N     . ILE A 1 86  ? 3.451   7.403   -18.674 1.00 33.71 ? 86  ILE A N     1 
ATOM   506 C CA    . ILE A 1 86  ? 2.940   8.418   -17.765 1.00 33.81 ? 86  ILE A CA    1 
ATOM   507 C C     . ILE A 1 86  ? 1.640   8.006   -17.078 1.00 33.99 ? 86  ILE A C     1 
ATOM   508 O O     . ILE A 1 86  ? 0.662   7.676   -17.745 1.00 37.21 ? 86  ILE A O     1 
ATOM   509 C CB    . ILE A 1 86  ? 2.757   9.734   -18.513 1.00 34.08 ? 86  ILE A CB    1 
ATOM   510 N N     . GLY A 1 87  ? 1.639   8.014   -15.746 1.00 30.06 ? 87  GLY A N     1 
ATOM   511 C CA    . GLY A 1 87  ? 0.453   7.637   -14.997 1.00 25.20 ? 87  GLY A CA    1 
ATOM   512 C C     . GLY A 1 87  ? 0.571   6.312   -14.269 1.00 22.62 ? 87  GLY A C     1 
ATOM   513 O O     . GLY A 1 87  ? -0.445  5.700   -13.947 1.00 21.30 ? 87  GLY A O     1 
ATOM   514 N N     . ASP A 1 88  ? 1.805   5.866   -14.010 1.00 24.15 ? 88  ASP A N     1 
ATOM   515 C CA    . ASP A 1 88  ? 2.071   4.604   -13.283 1.00 23.18 ? 88  ASP A CA    1 
ATOM   516 C C     . ASP A 1 88  ? 1.746   4.713   -11.788 1.00 21.19 ? 88  ASP A C     1 
ATOM   517 O O     . ASP A 1 88  ? 1.619   3.702   -11.112 1.00 21.33 ? 88  ASP A O     1 
ATOM   518 C CB    . ASP A 1 88  ? 3.543   4.142   -13.432 1.00 26.24 ? 88  ASP A CB    1 
ATOM   519 C CG    . ASP A 1 88  ? 3.861   3.569   -14.820 1.00 29.03 ? 88  ASP A CG    1 
ATOM   520 O OD1   . ASP A 1 88  ? 2.920   3.428   -15.648 1.00 29.72 ? 88  ASP A OD1   1 
ATOM   521 O OD2   . ASP A 1 88  ? 5.054   3.261   -15.067 1.00 23.03 ? 88  ASP A OD2   1 
ATOM   522 N N     . GLY A 1 89  ? 1.684   5.938   -11.266 1.00 20.43 ? 89  GLY A N     1 
ATOM   523 C CA    . GLY A 1 89  ? 1.367   6.140   -9.859  1.00 21.56 ? 89  GLY A CA    1 
ATOM   524 C C     . GLY A 1 89  ? 2.548   6.610   -9.033  1.00 19.47 ? 89  GLY A C     1 
ATOM   525 O O     . GLY A 1 89  ? 3.666   6.759   -9.560  1.00 18.87 ? 89  GLY A O     1 
ATOM   526 N N     . LYS A 1 90  ? 2.290   6.898   -7.755  1.00 18.44 ? 90  LYS A N     1 
ATOM   527 C CA    . LYS A 1 90  ? 3.344   7.333   -6.824  1.00 17.77 ? 90  LYS A CA    1 
ATOM   528 C C     . LYS A 1 90  ? 3.210   6.639   -5.468  1.00 18.08 ? 90  LYS A C     1 
ATOM   529 O O     . LYS A 1 90  ? 2.116   6.178   -5.100  1.00 18.88 ? 90  LYS A O     1 
ATOM   530 C CB    . LYS A 1 90  ? 3.326   8.850   -6.616  1.00 13.48 ? 90  LYS A CB    1 
ATOM   531 C CG    . LYS A 1 90  ? 3.520   9.671   -7.898  1.00 15.08 ? 90  LYS A CG    1 
ATOM   532 C CD    . LYS A 1 90  ? 3.632   11.162  -7.612  1.00 14.63 ? 90  LYS A CD    1 
ATOM   533 C CE    . LYS A 1 90  ? 3.710   11.985  -8.893  1.00 8.30  ? 90  LYS A CE    1 
ATOM   534 N NZ    . LYS A 1 90  ? 3.771   13.415  -8.564  1.00 10.52 ? 90  LYS A NZ    1 
ATOM   535 N N     . ILE A 1 91  ? 4.313   6.551   -4.728  1.00 16.94 ? 91  ILE A N     1 
ATOM   536 C CA    . ILE A 1 91  ? 4.299   5.921   -3.412  1.00 15.58 ? 91  ILE A CA    1 
ATOM   537 C C     . ILE A 1 91  ? 4.638   6.958   -2.376  1.00 18.12 ? 91  ILE A C     1 
ATOM   538 O O     . ILE A 1 91  ? 5.589   7.717   -2.556  1.00 19.15 ? 91  ILE A O     1 
ATOM   539 C CB    . ILE A 1 91  ? 5.311   4.762   -3.290  1.00 17.83 ? 91  ILE A CB    1 
ATOM   540 C CG1   . ILE A 1 91  ? 5.015   3.694   -4.363  1.00 20.37 ? 91  ILE A CG1   1 
ATOM   541 C CG2   . ILE A 1 91  ? 5.236   4.159   -1.883  1.00 9.33  ? 91  ILE A CG2   1 
ATOM   542 C CD1   . ILE A 1 91  ? 5.998   2.534   -4.422  1.00 11.83 ? 91  ILE A CD1   1 
ATOM   543 N N     . PHE A 1 92  ? 3.850   6.992   -1.308  1.00 15.92 ? 92  PHE A N     1 
ATOM   544 C CA    . PHE A 1 92  ? 4.027   7.935   -0.216  1.00 17.29 ? 92  PHE A CA    1 
ATOM   545 C C     . PHE A 1 92  ? 4.286   7.159   1.088   1.00 16.32 ? 92  PHE A C     1 
ATOM   546 O O     . PHE A 1 92  ? 3.526   6.238   1.445   1.00 13.94 ? 92  PHE A O     1 
ATOM   547 C CB    . PHE A 1 92  ? 2.782   8.828   -0.082  1.00 16.42 ? 92  PHE A CB    1 
ATOM   548 C CG    . PHE A 1 92  ? 2.412   9.578   -1.355  1.00 16.76 ? 92  PHE A CG    1 
ATOM   549 C CD1   . PHE A 1 92  ? 2.864   10.883  -1.578  1.00 19.45 ? 92  PHE A CD1   1 
ATOM   550 C CD2   . PHE A 1 92  ? 1.563   9.002   -2.301  1.00 13.71 ? 92  PHE A CD2   1 
ATOM   551 C CE1   . PHE A 1 92  ? 2.474   11.608  -2.726  1.00 15.24 ? 92  PHE A CE1   1 
ATOM   552 C CE2   . PHE A 1 92  ? 1.169   9.711   -3.447  1.00 12.65 ? 92  PHE A CE2   1 
ATOM   553 C CZ    . PHE A 1 92  ? 1.623   11.023  -3.657  1.00 13.38 ? 92  PHE A CZ    1 
ATOM   554 N N     . VAL A 1 93  ? 5.355   7.539   1.796   1.00 14.68 ? 93  VAL A N     1 
ATOM   555 C CA    . VAL A 1 93  ? 5.758   6.879   3.057   1.00 13.24 ? 93  VAL A CA    1 
ATOM   556 C C     . VAL A 1 93  ? 5.745   7.831   4.264   1.00 11.65 ? 93  VAL A C     1 
ATOM   557 O O     . VAL A 1 93  ? 6.260   8.950   4.199   1.00 12.56 ? 93  VAL A O     1 
ATOM   558 C CB    . VAL A 1 93  ? 7.174   6.237   2.929   1.00 11.56 ? 93  VAL A CB    1 
ATOM   559 C CG1   . VAL A 1 93  ? 7.521   5.400   4.154   1.00 7.47  ? 93  VAL A CG1   1 
ATOM   560 C CG2   . VAL A 1 93  ? 7.242   5.384   1.675   1.00 12.88 ? 93  VAL A CG2   1 
ATOM   561 N N     . ALA A 1 94  ? 5.107   7.382   5.345   1.00 14.32 ? 94  ALA A N     1 
ATOM   562 C CA    . ALA A 1 94  ? 5.003   8.138   6.593   1.00 15.76 ? 94  ALA A CA    1 
ATOM   563 C C     . ALA A 1 94  ? 5.270   7.180   7.737   1.00 15.71 ? 94  ALA A C     1 
ATOM   564 O O     . ALA A 1 94  ? 5.159   5.972   7.574   1.00 13.62 ? 94  ALA A O     1 
ATOM   565 C CB    . ALA A 1 94  ? 3.612   8.740   6.750   1.00 10.20 ? 94  ALA A CB    1 
ATOM   566 N N     . GLU A 1 95  ? 5.633   7.736   8.886   1.00 22.08 ? 95  GLU A N     1 
ATOM   567 C CA    . GLU A 1 95  ? 5.913   6.964   10.107  1.00 24.50 ? 95  GLU A CA    1 
ATOM   568 C C     . GLU A 1 95  ? 4.606   6.653   10.816  1.00 19.22 ? 95  GLU A C     1 
ATOM   569 O O     . GLU A 1 95  ? 3.673   7.472   10.789  1.00 15.41 ? 95  GLU A O     1 
ATOM   570 C CB    . GLU A 1 95  ? 6.771   7.802   11.089  1.00 29.37 ? 95  GLU A CB    1 
ATOM   571 C CG    . GLU A 1 95  ? 8.259   7.542   11.065  1.00 35.28 ? 95  GLU A CG    1 
ATOM   572 C CD    . GLU A 1 95  ? 8.586   6.195   11.634  1.00 39.83 ? 95  GLU A CD    1 
ATOM   573 O OE1   . GLU A 1 95  ? 8.626   6.054   12.876  1.00 43.11 ? 95  GLU A OE1   1 
ATOM   574 O OE2   . GLU A 1 95  ? 8.757   5.260   10.833  1.00 45.30 ? 95  GLU A OE2   1 
ATOM   575 N N     . LEU A 1 96  ? 4.528   5.467   11.418  1.00 17.52 ? 96  LEU A N     1 
ATOM   576 C CA    . LEU A 1 96  ? 3.358   5.074   12.202  1.00 16.17 ? 96  LEU A CA    1 
ATOM   577 C C     . LEU A 1 96  ? 3.829   4.895   13.619  1.00 15.65 ? 96  LEU A C     1 
ATOM   578 O O     . LEU A 1 96  ? 4.585   3.968   13.909  1.00 13.78 ? 96  LEU A O     1 
ATOM   579 C CB    . LEU A 1 96  ? 2.761   3.747   11.744  1.00 18.35 ? 96  LEU A CB    1 
ATOM   580 C CG    . LEU A 1 96  ? 1.639   3.745   10.719  1.00 24.15 ? 96  LEU A CG    1 
ATOM   581 C CD1   . LEU A 1 96  ? 1.145   2.309   10.576  1.00 21.02 ? 96  LEU A CD1   1 
ATOM   582 C CD2   . LEU A 1 96  ? 0.506   4.691   11.140  1.00 27.25 ? 96  LEU A CD2   1 
ATOM   583 N N     . GLN A 1 97  ? 3.379   5.769   14.506  1.00 14.63 ? 97  GLN A N     1 
ATOM   584 C CA    . GLN A 1 97  ? 3.767   5.681   15.914  1.00 18.41 ? 97  GLN A CA    1 
ATOM   585 C C     . GLN A 1 97  ? 3.282   4.389   16.591  1.00 18.70 ? 97  GLN A C     1 
ATOM   586 O O     . GLN A 1 97  ? 3.982   3.824   17.447  1.00 15.68 ? 97  GLN A O     1 
ATOM   587 C CB    . GLN A 1 97  ? 3.247   6.925   16.699  1.00 23.19 ? 97  GLN A CB    1 
ATOM   588 N N     . ARG A 1 98  ? 2.085   3.935   16.225  1.00 15.43 ? 98  ARG A N     1 
ATOM   589 C CA    . ARG A 1 98  ? 1.518   2.726   16.825  1.00 18.47 ? 98  ARG A CA    1 
ATOM   590 C C     . ARG A 1 98  ? 0.364   2.146   16.038  1.00 15.88 ? 98  ARG A C     1 
ATOM   591 O O     . ARG A 1 98  ? -0.307  2.845   15.274  1.00 16.77 ? 98  ARG A O     1 
ATOM   592 C CB    . ARG A 1 98  ? 0.996   3.029   18.251  1.00 20.18 ? 98  ARG A CB    1 
ATOM   593 C CG    . ARG A 1 98  ? 0.475   1.820   19.048  1.00 23.72 ? 98  ARG A CG    1 
ATOM   594 C CD    . ARG A 1 98  ? 1.379   1.500   20.237  1.00 35.39 ? 98  ARG A CD    1 
ATOM   595 N NE    . ARG A 1 98  ? 0.639   1.617   21.496  1.00 45.06 ? 98  ARG A NE    1 
ATOM   596 C CZ    . ARG A 1 98  ? 1.058   1.196   22.691  1.00 47.74 ? 98  ARG A CZ    1 
ATOM   597 N NH1   . ARG A 1 98  ? 0.269   1.364   23.743  1.00 53.33 ? 98  ARG A NH1   1 
ATOM   598 N NH2   . ARG A 1 98  ? 2.247   0.624   22.858  1.00 47.13 ? 98  ARG A NH2   1 
ATOM   599 N N     . VAL A 1 99  ? 0.153   0.853   16.214  1.00 16.79 ? 99  VAL A N     1 
ATOM   600 C CA    . VAL A 1 99  ? -0.978  0.174   15.605  1.00 20.45 ? 99  VAL A CA    1 
ATOM   601 C C     . VAL A 1 99  ? -1.482  -0.727  16.727  1.00 22.80 ? 99  VAL A C     1 
ATOM   602 O O     . VAL A 1 99  ? -0.687  -1.209  17.559  1.00 18.84 ? 99  VAL A O     1 
ATOM   603 C CB    . VAL A 1 99  ? -0.607  -0.657  14.355  1.00 23.32 ? 99  VAL A CB    1 
ATOM   604 C CG1   . VAL A 1 99  ? -1.890  -1.256  13.714  1.00 23.75 ? 99  VAL A CG1   1 
ATOM   605 C CG2   . VAL A 1 99  ? 0.142   0.206   13.352  1.00 20.22 ? 99  VAL A CG2   1 
ATOM   606 N N     . ILE A 1 100 ? -2.809  -0.870  16.801  1.00 21.64 ? 100 ILE A N     1 
ATOM   607 C CA    . ILE A 1 100 ? -3.464  -1.671  17.837  1.00 22.28 ? 100 ILE A CA    1 
ATOM   608 C C     . ILE A 1 100 ? -4.566  -2.518  17.227  1.00 21.55 ? 100 ILE A C     1 
ATOM   609 O O     . ILE A 1 100 ? -5.319  -2.038  16.377  1.00 20.83 ? 100 ILE A O     1 
ATOM   610 C CB    . ILE A 1 100 ? -4.154  -0.770  18.926  1.00 20.22 ? 100 ILE A CB    1 
ATOM   611 C CG1   . ILE A 1 100 ? -3.133  0.132   19.605  1.00 22.57 ? 100 ILE A CG1   1 
ATOM   612 C CG2   . ILE A 1 100 ? -4.863  -1.644  19.983  1.00 17.31 ? 100 ILE A CG2   1 
ATOM   613 C CD1   . ILE A 1 100 ? -3.747  1.285   20.299  1.00 27.31 ? 100 ILE A CD1   1 
ATOM   614 N N     . ARG A 1 101 ? -4.617  -3.783  17.625  1.00 21.10 ? 101 ARG A N     1 
ATOM   615 C CA    . ARG A 1 101 ? -5.665  -4.680  17.179  1.00 22.23 ? 101 ARG A CA    1 
ATOM   616 C C     . ARG A 1 101 ? -6.700  -4.605  18.290  1.00 22.73 ? 101 ARG A C     1 
ATOM   617 O O     . ARG A 1 101 ? -6.459  -5.102  19.385  1.00 23.65 ? 101 ARG A O     1 
ATOM   618 C CB    . ARG A 1 101 ? -5.167  -6.116  17.059  1.00 21.71 ? 101 ARG A CB    1 
ATOM   619 C CG    . ARG A 1 101 ? -6.193  -7.042  16.426  1.00 17.59 ? 101 ARG A CG    1 
ATOM   620 C CD    . ARG A 1 101 ? -5.765  -8.470  16.550  1.00 21.58 ? 101 ARG A CD    1 
ATOM   621 N NE    . ARG A 1 101 ? -4.357  -8.658  16.214  1.00 25.14 ? 101 ARG A NE    1 
ATOM   622 C CZ    . ARG A 1 101 ? -3.887  -8.830  14.982  1.00 25.54 ? 101 ARG A CZ    1 
ATOM   623 N NH1   . ARG A 1 101 ? -4.703  -8.829  13.935  1.00 27.44 ? 101 ARG A NH1   1 
ATOM   624 N NH2   . ARG A 1 101 ? -2.602  -9.054  14.803  1.00 27.00 ? 101 ARG A NH2   1 
ATOM   625 N N     . ILE A 1 102 ? -7.826  -3.952  18.019  1.00 22.94 ? 102 ILE A N     1 
ATOM   626 C CA    . ILE A 1 102 ? -8.904  -3.793  18.996  1.00 22.77 ? 102 ILE A CA    1 
ATOM   627 C C     . ILE A 1 102 ? -9.322  -5.099  19.703  1.00 25.96 ? 102 ILE A C     1 
ATOM   628 O O     . ILE A 1 102 ? -9.511  -5.125  20.920  1.00 27.36 ? 102 ILE A O     1 
ATOM   629 C CB    . ILE A 1 102 ? -10.134 -3.108  18.327  1.00 22.64 ? 102 ILE A CB    1 
ATOM   630 C CG1   . ILE A 1 102 ? -9.817  -1.631  18.049  1.00 20.45 ? 102 ILE A CG1   1 
ATOM   631 C CG2   . ILE A 1 102 ? -11.413 -3.313  19.158  1.00 21.28 ? 102 ILE A CG2   1 
ATOM   632 C CD1   . ILE A 1 102 ? -10.892 -0.885  17.255  1.00 21.44 ? 102 ILE A CD1   1 
ATOM   633 N N     . ARG A 1 103 ? -9.416  -6.190  18.947  1.00 26.08 ? 103 ARG A N     1 
ATOM   634 C CA    . ARG A 1 103 ? -9.835  -7.486  19.479  1.00 26.22 ? 103 ARG A CA    1 
ATOM   635 C C     . ARG A 1 103 ? -8.950  -8.081  20.566  1.00 27.31 ? 103 ARG A C     1 
ATOM   636 O O     . ARG A 1 103 ? -9.463  -8.599  21.547  1.00 25.96 ? 103 ARG A O     1 
ATOM   637 C CB    . ARG A 1 103 ? -10.007 -8.494  18.329  1.00 26.24 ? 103 ARG A CB    1 
ATOM   638 C CG    . ARG A 1 103 ? -10.442 -9.902  18.746  1.00 25.61 ? 103 ARG A CG    1 
ATOM   639 C CD    . ARG A 1 103 ? -10.690 -10.789 17.525  1.00 26.07 ? 103 ARG A CD    1 
ATOM   640 N NE    . ARG A 1 103 ? -9.525  -10.872 16.640  1.00 25.25 ? 103 ARG A NE    1 
ATOM   641 C CZ    . ARG A 1 103 ? -8.400  -11.513 16.948  1.00 30.80 ? 103 ARG A CZ    1 
ATOM   642 N NH1   . ARG A 1 103 ? -7.376  -11.541 16.104  1.00 23.53 ? 103 ARG A NH1   1 
ATOM   643 N NH2   . ARG A 1 103 ? -8.311  -12.165 18.099  1.00 37.23 ? 103 ARG A NH2   1 
ATOM   644 N N     . THR A 1 104 ? -7.631  -8.000  20.387  1.00 30.87 ? 104 THR A N     1 
ATOM   645 C CA    . THR A 1 104 ? -6.657  -8.563  21.338  1.00 30.64 ? 104 THR A CA    1 
ATOM   646 C C     . THR A 1 104 ? -5.934  -7.514  22.178  1.00 30.74 ? 104 THR A C     1 
ATOM   647 O O     . THR A 1 104 ? -5.485  -7.781  23.295  1.00 33.99 ? 104 THR A O     1 
ATOM   648 C CB    . THR A 1 104 ? -5.521  -9.258  20.584  1.00 30.92 ? 104 THR A CB    1 
ATOM   649 O OG1   . THR A 1 104 ? -4.918  -8.296  19.710  1.00 29.39 ? 104 THR A OG1   1 
ATOM   650 C CG2   . THR A 1 104 ? -6.019  -10.447 19.761  1.00 26.55 ? 104 THR A CG2   1 
ATOM   651 N N     . GLY A 1 105 ? -5.715  -6.353  21.586  1.00 27.03 ? 105 GLY A N     1 
ATOM   652 C CA    . GLY A 1 105 ? -4.976  -5.319  22.274  1.00 26.46 ? 105 GLY A CA    1 
ATOM   653 C C     . GLY A 1 105 ? -3.490  -5.438  21.933  1.00 23.69 ? 105 GLY A C     1 
ATOM   654 O O     . GLY A 1 105 ? -2.641  -4.830  22.596  1.00 25.73 ? 105 GLY A O     1 
ATOM   655 N N     . GLU A 1 106 ? -3.167  -6.249  20.930  1.00 20.31 ? 106 GLU A N     1 
ATOM   656 C CA    . GLU A 1 106 ? -1.786  -6.412  20.502  1.00 17.57 ? 106 GLU A CA    1 
ATOM   657 C C     . GLU A 1 106 ? -1.411  -5.114  19.834  1.00 21.65 ? 106 GLU A C     1 
ATOM   658 O O     . GLU A 1 106 ? -2.246  -4.483  19.172  1.00 21.24 ? 106 GLU A O     1 
ATOM   659 C CB    . GLU A 1 106 ? -1.646  -7.545  19.508  1.00 14.93 ? 106 GLU A CB    1 
ATOM   660 C CG    . GLU A 1 106 ? -1.692  -8.901  20.154  1.00 23.11 ? 106 GLU A CG    1 
ATOM   661 C CD    . GLU A 1 106 ? -1.951  -10.003 19.156  1.00 27.59 ? 106 GLU A CD    1 
ATOM   662 O OE1   . GLU A 1 106 ? -3.013  -9.933  18.494  1.00 28.75 ? 106 GLU A OE1   1 
ATOM   663 O OE2   . GLU A 1 106 ? -1.109  -10.937 19.038  1.00 27.66 ? 106 GLU A OE2   1 
ATOM   664 N N     . ALA A 1 107 ? -0.152  -4.735  19.973  1.00 20.75 ? 107 ALA A N     1 
ATOM   665 C CA    . ALA A 1 107 ? 0.323   -3.492  19.412  1.00 21.75 ? 107 ALA A CA    1 
ATOM   666 C C     . ALA A 1 107 ? 1.439   -3.689  18.413  1.00 21.07 ? 107 ALA A C     1 
ATOM   667 O O     . ALA A 1 107 ? 2.182   -4.663  18.473  1.00 23.87 ? 107 ALA A O     1 
ATOM   668 C CB    . ALA A 1 107 ? 0.775   -2.572  20.538  1.00 25.99 ? 107 ALA A CB    1 
ATOM   669 N N     . ASP A 1 108 ? 1.499   -2.769  17.460  1.00 21.46 ? 108 ASP A N     1 
ATOM   670 C CA    . ASP A 1 108 ? 2.500   -2.731  16.418  1.00 20.62 ? 108 ASP A CA    1 
ATOM   671 C C     . ASP A 1 108 ? 2.592   -3.993  15.564  1.00 22.71 ? 108 ASP A C     1 
ATOM   672 O O     . ASP A 1 108 ? 1.596   -4.411  14.973  1.00 19.99 ? 108 ASP A O     1 
ATOM   673 C CB    . ASP A 1 108 ? 3.858   -2.353  17.035  1.00 24.28 ? 108 ASP A CB    1 
ATOM   674 C CG    . ASP A 1 108 ? 3.822   -1.024  17.778  1.00 27.61 ? 108 ASP A CG    1 
ATOM   675 O OD1   . ASP A 1 108 ? 2.852   -0.256  17.613  1.00 29.42 ? 108 ASP A OD1   1 
ATOM   676 O OD2   . ASP A 1 108 ? 4.763   -0.744  18.535  1.00 29.49 ? 108 ASP A OD2   1 
ATOM   677 N N     . GLU A 1 109 ? 3.783   -4.595  15.501  1.00 23.83 ? 109 GLU A N     1 
ATOM   678 C CA    . GLU A 1 109 ? 4.017   -5.788  14.698  1.00 24.98 ? 109 GLU A CA    1 
ATOM   679 C C     . GLU A 1 109 ? 3.080   -6.906  15.065  1.00 22.76 ? 109 GLU A C     1 
ATOM   680 O O     . GLU A 1 109 ? 2.781   -7.736  14.236  1.00 22.23 ? 109 GLU A O     1 
ATOM   681 C CB    . GLU A 1 109 ? 5.465   -6.266  14.821  1.00 29.23 ? 109 GLU A CB    1 
ATOM   682 C CG    . GLU A 1 109 ? 6.491   -5.145  14.850  1.00 34.42 ? 109 GLU A CG    1 
ATOM   683 C CD    . GLU A 1 109 ? 7.857   -5.567  14.353  1.00 41.88 ? 109 GLU A CD    1 
ATOM   684 O OE1   . GLU A 1 109 ? 8.638   -4.664  13.971  1.00 44.27 ? 109 GLU A OE1   1 
ATOM   685 O OE2   . GLU A 1 109 ? 8.156   -6.790  14.331  1.00 45.36 ? 109 GLU A OE2   1 
ATOM   686 N N     . ALA A 1 110 ? 2.640   -6.936  16.321  1.00 22.54 ? 110 ALA A N     1 
ATOM   687 C CA    . ALA A 1 110 ? 1.705   -7.962  16.794  1.00 22.40 ? 110 ALA A CA    1 
ATOM   688 C C     . ALA A 1 110 ? 0.263   -7.656  16.379  1.00 22.92 ? 110 ALA A C     1 
ATOM   689 O O     . ALA A 1 110 ? -0.618  -8.513  16.511  1.00 25.11 ? 110 ALA A O     1 
ATOM   690 C CB    . ALA A 1 110 ? 1.775   -8.079  18.312  1.00 18.31 ? 110 ALA A CB    1 
ATOM   691 N N     . ALA A 1 111 ? 0.019   -6.410  15.962  1.00 21.31 ? 111 ALA A N     1 
ATOM   692 C CA    . ALA A 1 111 ? -1.305  -5.935  15.549  1.00 20.42 ? 111 ALA A CA    1 
ATOM   693 C C     . ALA A 1 111 ? -1.556  -6.089  14.061  1.00 22.65 ? 111 ALA A C     1 
ATOM   694 O O     . ALA A 1 111 ? -2.606  -5.685  13.574  1.00 22.38 ? 111 ALA A O     1 
ATOM   695 C CB    . ALA A 1 111 ? -1.477  -4.472  15.939  1.00 15.39 ? 111 ALA A CB    1 
ATOM   696 N N     . LEU A 1 112 ? -0.568  -6.614  13.343  1.00 25.30 ? 112 LEU A N     1 
ATOM   697 C CA    . LEU A 1 112 ? -0.652  -6.811  11.905  1.00 26.64 ? 112 LEU A CA    1 
ATOM   698 C C     . LEU A 1 112 ? -0.972  -8.268  11.598  1.00 30.81 ? 112 LEU A C     1 
ATOM   699 O O     . LEU A 1 112 ? -1.219  -8.563  10.411  1.00 33.94 ? 112 LEU A O     1 
ATOM   700 C CB    . LEU A 1 112 ? 0.685   -6.451  11.257  1.00 30.01 ? 112 LEU A CB    1 
ATOM   701 C CG    . LEU A 1 112 ? 1.381   -5.160  11.705  1.00 27.37 ? 112 LEU A CG    1 
ATOM   702 C CD1   . LEU A 1 112 ? 2.786   -5.135  11.124  1.00 25.67 ? 112 LEU A CD1   1 
ATOM   703 C CD2   . LEU A 1 112 ? 0.581   -3.931  11.267  1.00 27.71 ? 112 LEU A CD2   1 
ATOM   704 O OXT   . LEU A 1 112 ? -0.959  -9.103  12.534  1.00 31.96 ? 112 LEU A OXT   1 
HETATM 705 P PG    . ATP B 2 .   ? 3.947   10.385  -13.309 1.00 22.69 ? 200 ATP A PG    1 
HETATM 706 O O1G   . ATP B 2 .   ? 4.915   11.410  -13.747 1.00 23.85 ? 200 ATP A O1G   1 
HETATM 707 O O2G   . ATP B 2 .   ? 3.828   10.045  -11.875 1.00 27.61 ? 200 ATP A O2G   1 
HETATM 708 O O3G   . ATP B 2 .   ? 4.174   9.022   -14.086 1.00 19.35 ? 200 ATP A O3G   1 
HETATM 709 P PB    . ATP B 2 .   ? 1.464   11.902  -13.161 1.00 23.61 ? 200 ATP A PB    1 
HETATM 710 O O1B   . ATP B 2 .   ? 2.147   13.178  -12.827 1.00 21.05 ? 200 ATP A O1B   1 
HETATM 711 O O2B   . ATP B 2 .   ? 0.293   11.926  -14.081 1.00 25.63 ? 200 ATP A O2B   1 
HETATM 712 O O3B   . ATP B 2 .   ? 2.507   10.866  -13.763 1.00 19.43 ? 200 ATP A O3B   1 
HETATM 713 P PA    . ATP B 2 .   ? 0.485   9.772   -11.349 1.00 23.04 ? 200 ATP A PA    1 
HETATM 714 O O1A   . ATP B 2 .   ? 1.652   8.857   -11.283 1.00 19.78 ? 200 ATP A O1A   1 
HETATM 715 O O2A   . ATP B 2 .   ? -0.691  9.407   -12.180 1.00 22.94 ? 200 ATP A O2A   1 
HETATM 716 O O3A   . ATP B 2 .   ? 1.008   11.206  -11.800 1.00 25.18 ? 200 ATP A O3A   1 
HETATM 717 O "O5'" . ATP B 2 .   ? -0.017  10.031  -9.858  1.00 24.67 ? 200 ATP A "O5'" 1 
HETATM 718 C "C5'" . ATP B 2 .   ? -0.947  9.138   -9.237  1.00 24.84 ? 200 ATP A "C5'" 1 
HETATM 719 C "C4'" . ATP B 2 .   ? -1.872  9.884   -8.292  1.00 20.71 ? 200 ATP A "C4'" 1 
HETATM 720 O "O4'" . ATP B 2 .   ? -1.138  10.291  -7.104  1.00 20.27 ? 200 ATP A "O4'" 1 
HETATM 721 C "C3'" . ATP B 2 .   ? -2.506  11.183  -8.785  1.00 20.12 ? 200 ATP A "C3'" 1 
HETATM 722 O "O3'" . ATP B 2 .   ? -3.666  10.976  -9.585  1.00 17.12 ? 200 ATP A "O3'" 1 
HETATM 723 C "C2'" . ATP B 2 .   ? -2.920  11.831  -7.477  1.00 18.25 ? 200 ATP A "C2'" 1 
HETATM 724 O "O2'" . ATP B 2 .   ? -4.117  11.268  -6.994  1.00 19.19 ? 200 ATP A "O2'" 1 
HETATM 725 C "C1'" . ATP B 2 .   ? -1.759  11.446  -6.557  1.00 17.06 ? 200 ATP A "C1'" 1 
HETATM 726 N N9    . ATP B 2 .   ? -0.753  12.491  -6.467  1.00 12.80 ? 200 ATP A N9    1 
HETATM 727 C C8    . ATP B 2 .   ? 0.275   12.698  -7.335  1.00 13.95 ? 200 ATP A C8    1 
HETATM 728 N N7    . ATP B 2 .   ? 1.089   13.658  -6.962  1.00 17.53 ? 200 ATP A N7    1 
HETATM 729 C C5    . ATP B 2 .   ? 0.547   14.122  -5.787  1.00 15.07 ? 200 ATP A C5    1 
HETATM 730 C C6    . ATP B 2 .   ? 0.953   15.122  -4.870  1.00 11.32 ? 200 ATP A C6    1 
HETATM 731 N N6    . ATP B 2 .   ? 2.068   15.846  -5.043  1.00 11.71 ? 200 ATP A N6    1 
HETATM 732 N N1    . ATP B 2 .   ? 0.192   15.341  -3.784  1.00 5.94  ? 200 ATP A N1    1 
HETATM 733 C C2    . ATP B 2 .   ? -0.929  14.616  -3.637  1.00 7.96  ? 200 ATP A C2    1 
HETATM 734 N N3    . ATP B 2 .   ? -1.424  13.651  -4.424  1.00 11.48 ? 200 ATP A N3    1 
HETATM 735 C C4    . ATP B 2 .   ? -0.627  13.445  -5.472  1.00 13.37 ? 200 ATP A C4    1 
HETATM 736 O O     . HOH C 3 .   ? -1.011  11.665  -1.049  1.00 36.05 ? 201 HOH A O     1 
HETATM 737 O O     . HOH C 3 .   ? -1.649  9.903   1.209   1.00 35.41 ? 202 HOH A O     1 
HETATM 738 O O     . HOH C 3 .   ? -1.918  6.922   -12.016 1.00 19.41 ? 203 HOH A O     1 
HETATM 739 O O     . HOH C 3 .   ? -1.296  3.339   -12.372 1.00 40.51 ? 204 HOH A O     1 
HETATM 740 O O     . HOH C 3 .   ? -9.504  -11.527 -4.722  1.00 46.07 ? 205 HOH A O     1 
HETATM 741 O O     . HOH C 3 .   ? -1.022  -6.470  6.021   1.00 14.91 ? 206 HOH A O     1 
HETATM 742 O O     . HOH C 3 .   ? 1.588   -5.891  7.257   1.00 27.55 ? 207 HOH A O     1 
HETATM 743 O O     . HOH C 3 .   ? -7.192  3.467   1.358   1.00 11.47 ? 208 HOH A O     1 
HETATM 744 O O     . HOH C 3 .   ? 13.043  1.653   9.084   1.00 48.66 ? 209 HOH A O     1 
HETATM 745 O O     . HOH C 3 .   ? 11.001  -1.387  14.415  1.00 68.95 ? 210 HOH A O     1 
HETATM 746 O O     . HOH C 3 .   ? 8.993   -2.320  12.697  1.00 20.02 ? 211 HOH A O     1 
HETATM 747 O O     . HOH C 3 .   ? 12.290  -4.789  3.091   1.00 24.10 ? 212 HOH A O     1 
HETATM 748 O O     . HOH C 3 .   ? 3.903   9.458   12.961  1.00 15.13 ? 213 HOH A O     1 
HETATM 749 O O     . HOH C 3 .   ? -1.787  8.012   3.473   1.00 60.70 ? 214 HOH A O     1 
HETATM 750 O O     . HOH C 3 .   ? -8.467  7.268   2.567   1.00 14.61 ? 215 HOH A O     1 
HETATM 751 O O     . HOH C 3 .   ? -13.799 9.827   -3.147  1.00 21.10 ? 216 HOH A O     1 
HETATM 752 O O     . HOH C 3 .   ? 0.089   14.172  -10.433 1.00 32.57 ? 217 HOH A O     1 
HETATM 753 O O     . HOH C 3 .   ? -0.295  2.403   -15.842 1.00 43.96 ? 218 HOH A O     1 
HETATM 754 O O     . HOH C 3 .   ? 14.474  1.423   11.331  1.00 65.87 ? 219 HOH A O     1 
HETATM 755 O O     . HOH C 3 .   ? -5.300  -4.568  -16.811 1.00 34.44 ? 220 HOH A O     1 
HETATM 756 O O     . HOH C 3 .   ? 1.092   16.613  -11.185 1.00 46.59 ? 221 HOH A O     1 
HETATM 757 O O     . HOH C 3 .   ? -1.003  -9.499  5.770   1.00 24.91 ? 222 HOH A O     1 
HETATM 758 O O     . HOH C 3 .   ? 2.230   -9.025  6.609   1.00 36.83 ? 223 HOH A O     1 
HETATM 759 O O     . HOH C 3 .   ? -3.076  -8.251  -0.620  1.00 30.14 ? 224 HOH A O     1 
HETATM 760 O O     . HOH C 3 .   ? 6.750   4.458   18.442  1.00 34.17 ? 225 HOH A O     1 
HETATM 761 O O     . HOH C 3 .   ? 7.824   3.640   14.213  1.00 33.45 ? 226 HOH A O     1 
HETATM 762 O O     . HOH C 3 .   ? 1.182   8.325   3.773   1.00 43.84 ? 227 HOH A O     1 
HETATM 763 O O     . HOH C 3 .   ? -9.481  -6.480  -8.431  1.00 36.92 ? 228 HOH A O     1 
HETATM 764 O O     . HOH C 3 .   ? -5.528  -7.736  -13.339 1.00 29.61 ? 229 HOH A O     1 
HETATM 765 O O     . HOH C 3 .   ? 12.950  -0.921  -2.618  1.00 30.44 ? 230 HOH A O     1 
HETATM 766 O O     . HOH C 3 .   ? 10.254  2.764   -8.718  1.00 45.22 ? 231 HOH A O     1 
HETATM 767 O O     . HOH C 3 .   ? -4.719  -9.092  11.198  1.00 36.90 ? 232 HOH A O     1 
HETATM 768 O O     . HOH C 3 .   ? -5.498  -12.343 13.882  1.00 50.29 ? 233 HOH A O     1 
HETATM 769 O O     . HOH C 3 .   ? 15.192  -2.737  -3.304  1.00 41.52 ? 234 HOH A O     1 
HETATM 770 O O     . HOH C 3 .   ? 14.968  1.285   -4.602  1.00 58.19 ? 235 HOH A O     1 
HETATM 771 O O     . HOH C 3 .   ? 13.572  -1.738  4.427   1.00 39.22 ? 236 HOH A O     1 
HETATM 772 O O     . HOH C 3 .   ? 10.420  -7.110  -2.988  1.00 35.45 ? 237 HOH A O     1 
HETATM 773 O O     . HOH C 3 .   ? 9.958   -9.691  -3.027  1.00 32.96 ? 238 HOH A O     1 
HETATM 774 O O     . HOH C 3 .   ? 9.341   -11.495 -5.735  1.00 42.45 ? 239 HOH A O     1 
HETATM 775 O O     . HOH C 3 .   ? 10.898  -13.686 -5.209  1.00 43.26 ? 240 HOH A O     1 
HETATM 776 O O     . HOH C 3 .   ? 8.416   -13.677 -3.344  1.00 53.48 ? 241 HOH A O     1 
HETATM 777 O O     . HOH C 3 .   ? -2.269  -4.314  -18.067 1.00 39.89 ? 242 HOH A O     1 
HETATM 778 O O     . HOH C 3 .   ? 0.132   5.184   20.287  1.00 50.84 ? 243 HOH A O     1 
HETATM 779 O O     . HOH C 3 .   ? -10.511 16.259  -15.874 1.00 39.60 ? 244 HOH A O     1 
HETATM 780 O O     . HOH C 3 .   ? -9.722  15.570  -18.650 1.00 39.07 ? 245 HOH A O     1 
HETATM 781 O O     . HOH C 3 .   ? -11.605 4.955   -8.044  1.00 38.32 ? 246 HOH A O     1 
HETATM 782 O O     . HOH C 3 .   ? -5.620  8.421   -17.995 1.00 40.97 ? 247 HOH A O     1 
# 
